data_2JUO
#
_entry.id   2JUO
#
_entity_poly.entity_id   1
_entity_poly.type   'polypeptide(L)'
_entity_poly.pdbx_seq_one_letter_code
;MAECVSQAIDINEPIGNLKKLLEPRLQCSLDAHEICLQDIQLDPDRSLFDQGVKTDGTVQLSVQVISYQGMEPKLNILEI
VKTAETVEW
;
_entity_poly.pdbx_strand_id   A
#
# COMPACT_ATOMS: atom_id res chain seq x y z
N MET A 1 -8.71 11.22 8.81
CA MET A 1 -7.50 12.06 8.61
C MET A 1 -6.52 11.36 7.66
N ALA A 2 -5.71 10.47 8.23
CA ALA A 2 -4.73 9.71 7.49
C ALA A 2 -4.49 8.41 8.23
N GLU A 3 -5.53 7.61 8.28
CA GLU A 3 -5.54 6.39 9.07
C GLU A 3 -4.52 5.38 8.56
N CYS A 4 -3.38 5.31 9.24
CA CYS A 4 -2.27 4.49 8.79
C CYS A 4 -2.32 3.09 9.37
N VAL A 5 -1.85 2.13 8.59
CA VAL A 5 -1.68 0.76 9.04
C VAL A 5 -0.34 0.22 8.53
N SER A 6 0.35 -0.53 9.37
CA SER A 6 1.63 -1.10 8.98
C SER A 6 1.49 -2.58 8.66
N GLN A 7 1.73 -2.92 7.41
CA GLN A 7 1.61 -4.30 6.96
C GLN A 7 2.53 -4.53 5.77
N ALA A 8 2.93 -5.76 5.54
CA ALA A 8 3.91 -6.06 4.50
C ALA A 8 3.33 -6.99 3.43
N ILE A 9 3.89 -6.94 2.22
CA ILE A 9 3.37 -7.70 1.08
C ILE A 9 4.49 -8.01 0.09
N ASP A 10 4.15 -8.84 -0.89
CA ASP A 10 5.05 -9.17 -2.00
C ASP A 10 5.22 -7.99 -2.94
N ILE A 11 6.44 -7.68 -3.36
CA ILE A 11 6.66 -6.54 -4.23
C ILE A 11 6.78 -6.95 -5.68
N ASN A 12 7.06 -8.22 -5.93
CA ASN A 12 7.10 -8.72 -7.29
C ASN A 12 5.68 -9.13 -7.68
N GLU A 13 4.86 -9.27 -6.64
CA GLU A 13 3.47 -9.66 -6.79
C GLU A 13 2.56 -8.44 -6.56
N PRO A 14 1.26 -8.58 -6.82
CA PRO A 14 0.30 -7.46 -6.83
C PRO A 14 0.33 -6.60 -5.57
N ILE A 15 0.31 -5.28 -5.75
CA ILE A 15 0.26 -4.36 -4.62
C ILE A 15 -1.18 -4.17 -4.17
N GLY A 16 -2.11 -4.58 -5.03
CA GLY A 16 -3.51 -4.41 -4.72
C GLY A 16 -4.00 -5.43 -3.72
N ASN A 17 -3.11 -6.28 -3.24
CA ASN A 17 -3.49 -7.28 -2.27
C ASN A 17 -3.70 -6.63 -0.90
N LEU A 18 -3.44 -5.33 -0.82
CA LEU A 18 -3.66 -4.57 0.40
C LEU A 18 -5.12 -4.57 0.81
N LYS A 19 -6.00 -4.78 -0.17
CA LYS A 19 -7.42 -4.86 0.10
C LYS A 19 -7.75 -6.17 0.82
N LYS A 20 -6.91 -7.17 0.58
CA LYS A 20 -7.08 -8.47 1.19
C LYS A 20 -6.31 -8.55 2.51
N LEU A 21 -5.09 -8.04 2.52
CA LEU A 21 -4.19 -8.19 3.66
C LEU A 21 -4.50 -7.19 4.78
N LEU A 22 -5.04 -6.03 4.43
CA LEU A 22 -5.36 -5.02 5.43
C LEU A 22 -6.79 -5.15 5.92
N GLU A 23 -7.53 -6.08 5.32
CA GLU A 23 -8.89 -6.41 5.78
C GLU A 23 -8.93 -6.68 7.29
N PRO A 24 -8.09 -7.61 7.81
CA PRO A 24 -8.03 -7.92 9.24
C PRO A 24 -7.53 -6.74 10.07
N ARG A 25 -6.65 -5.94 9.47
CA ARG A 25 -5.94 -4.89 10.18
C ARG A 25 -6.78 -3.65 10.39
N LEU A 26 -7.47 -3.23 9.34
CA LEU A 26 -8.25 -2.00 9.40
C LEU A 26 -9.66 -2.26 9.89
N GLN A 27 -10.06 -3.53 9.81
CA GLN A 27 -11.44 -3.94 10.10
C GLN A 27 -12.39 -3.18 9.17
N CYS A 28 -11.87 -2.83 8.02
CA CYS A 28 -12.61 -2.07 7.03
C CYS A 28 -12.81 -2.90 5.77
N SER A 29 -13.97 -2.75 5.15
CA SER A 29 -14.22 -3.41 3.88
C SER A 29 -13.44 -2.69 2.78
N LEU A 30 -12.39 -3.34 2.31
CA LEU A 30 -11.52 -2.72 1.32
C LEU A 30 -12.17 -2.83 -0.06
N ASP A 31 -12.79 -1.74 -0.49
CA ASP A 31 -13.60 -1.75 -1.70
C ASP A 31 -13.42 -0.46 -2.49
N ALA A 32 -14.08 0.62 -2.05
CA ALA A 32 -14.02 1.91 -2.75
C ALA A 32 -12.63 2.51 -2.75
N HIS A 33 -11.86 2.24 -1.70
CA HIS A 33 -10.52 2.79 -1.59
C HIS A 33 -9.52 2.02 -2.44
N GLU A 34 -8.99 2.75 -3.41
CA GLU A 34 -8.00 2.23 -4.35
C GLU A 34 -6.60 2.35 -3.75
N ILE A 35 -5.69 1.51 -4.20
CA ILE A 35 -4.35 1.48 -3.61
C ILE A 35 -3.48 2.56 -4.20
N CYS A 36 -2.58 3.10 -3.40
CA CYS A 36 -1.80 4.26 -3.76
C CYS A 36 -0.49 4.28 -3.00
N LEU A 37 0.40 5.18 -3.37
CA LEU A 37 1.69 5.30 -2.73
C LEU A 37 2.09 6.75 -2.64
N GLN A 38 2.15 7.28 -1.42
CA GLN A 38 2.44 8.68 -1.20
C GLN A 38 1.48 9.54 -2.02
N ASP A 39 0.26 9.04 -2.12
CA ASP A 39 -0.85 9.70 -2.80
C ASP A 39 -0.87 9.37 -4.30
N ILE A 40 0.23 8.84 -4.83
CA ILE A 40 0.26 8.37 -6.21
C ILE A 40 -0.57 7.10 -6.33
N GLN A 41 -1.60 7.13 -7.13
CA GLN A 41 -2.43 5.95 -7.31
C GLN A 41 -1.65 4.84 -8.02
N LEU A 42 -1.87 3.62 -7.56
CA LEU A 42 -1.10 2.47 -8.02
C LEU A 42 -2.02 1.50 -8.75
N ASP A 43 -1.47 0.41 -9.27
CA ASP A 43 -2.27 -0.59 -9.94
C ASP A 43 -2.24 -1.87 -9.13
N PRO A 44 -3.38 -2.20 -8.52
CA PRO A 44 -3.58 -3.47 -7.81
C PRO A 44 -3.19 -4.67 -8.67
N ASP A 45 -3.26 -4.48 -9.97
CA ASP A 45 -2.94 -5.51 -10.95
C ASP A 45 -1.44 -5.63 -11.17
N ARG A 46 -0.70 -4.68 -10.62
CA ARG A 46 0.74 -4.62 -10.83
C ARG A 46 1.45 -4.61 -9.49
N SER A 47 2.74 -4.91 -9.49
CA SER A 47 3.51 -5.02 -8.26
C SER A 47 4.33 -3.76 -7.97
N LEU A 48 5.09 -3.76 -6.86
CA LEU A 48 6.08 -2.71 -6.61
C LEU A 48 7.14 -2.73 -7.72
N PHE A 49 7.46 -3.92 -8.21
CA PHE A 49 8.30 -4.05 -9.40
C PHE A 49 7.65 -3.44 -10.63
N ASP A 50 6.36 -3.22 -10.55
CA ASP A 50 5.65 -2.50 -11.60
C ASP A 50 5.42 -1.05 -11.18
N GLN A 51 5.53 -0.79 -9.88
CA GLN A 51 5.21 0.52 -9.32
C GLN A 51 6.18 0.92 -8.22
N GLY A 52 7.21 1.65 -8.57
CA GLY A 52 8.05 2.24 -7.56
C GLY A 52 9.40 1.54 -7.42
N VAL A 53 9.47 0.55 -6.55
CA VAL A 53 10.76 0.00 -6.15
C VAL A 53 11.06 -1.31 -6.84
N LYS A 54 12.30 -1.47 -7.25
CA LYS A 54 12.75 -2.74 -7.78
C LYS A 54 13.82 -3.29 -6.86
N THR A 55 13.39 -3.78 -5.70
CA THR A 55 14.32 -4.30 -4.72
C THR A 55 14.21 -5.82 -4.62
N ASP A 56 13.52 -6.33 -3.60
CA ASP A 56 13.41 -7.76 -3.46
C ASP A 56 12.40 -8.16 -2.39
N GLY A 57 11.56 -9.12 -2.74
CA GLY A 57 10.76 -9.84 -1.77
C GLY A 57 9.62 -9.03 -1.19
N THR A 58 9.61 -8.96 0.13
CA THR A 58 8.53 -8.32 0.86
C THR A 58 8.99 -7.01 1.49
N VAL A 59 8.29 -5.92 1.22
CA VAL A 59 8.54 -4.67 1.91
C VAL A 59 7.46 -4.41 2.95
N GLN A 60 7.76 -3.54 3.89
CA GLN A 60 6.81 -3.18 4.91
C GLN A 60 6.17 -1.84 4.51
N LEU A 61 4.86 -1.87 4.33
CA LEU A 61 4.13 -0.71 3.83
C LEU A 61 3.45 0.03 4.96
N SER A 62 3.84 1.28 5.17
CA SER A 62 3.05 2.16 6.01
C SER A 62 1.98 2.81 5.14
N VAL A 63 0.98 2.01 4.83
CA VAL A 63 -0.12 2.41 3.97
C VAL A 63 -1.28 3.01 4.78
N GLN A 64 -1.83 4.11 4.28
CA GLN A 64 -2.87 4.86 4.97
C GLN A 64 -4.19 4.80 4.22
N VAL A 65 -5.29 4.87 4.95
CA VAL A 65 -6.59 5.05 4.34
C VAL A 65 -6.93 6.54 4.27
N ILE A 66 -7.01 7.04 3.05
CA ILE A 66 -7.27 8.44 2.79
C ILE A 66 -8.67 8.68 2.25
N SER A 67 -9.52 9.31 3.03
CA SER A 67 -10.69 9.94 2.48
C SER A 67 -10.76 11.39 2.96
N TYR A 68 -10.15 12.28 2.20
CA TYR A 68 -10.00 13.68 2.59
C TYR A 68 -11.28 14.48 2.36
N GLN A 69 -12.08 14.64 3.41
CA GLN A 69 -13.29 15.46 3.36
C GLN A 69 -14.25 15.01 2.27
N GLY A 70 -14.26 13.71 1.99
CA GLY A 70 -15.13 13.20 0.95
C GLY A 70 -14.40 13.01 -0.36
N MET A 71 -13.07 13.08 -0.33
CA MET A 71 -12.25 12.82 -1.49
C MET A 71 -12.26 11.33 -1.79
N GLU A 72 -11.65 10.95 -2.90
CA GLU A 72 -11.67 9.56 -3.34
C GLU A 72 -10.78 8.70 -2.46
N PRO A 73 -11.41 7.82 -1.66
CA PRO A 73 -10.72 6.88 -0.78
C PRO A 73 -9.53 6.20 -1.45
N LYS A 74 -8.36 6.49 -0.92
CA LYS A 74 -7.11 5.86 -1.36
C LYS A 74 -6.40 5.18 -0.20
N LEU A 75 -5.77 4.05 -0.45
CA LEU A 75 -4.83 3.48 0.49
C LEU A 75 -3.42 3.78 0.01
N ASN A 76 -2.77 4.78 0.58
CA ASN A 76 -1.43 5.14 0.11
C ASN A 76 -0.35 4.60 1.00
N ILE A 77 0.62 3.97 0.37
CA ILE A 77 1.82 3.59 1.05
C ILE A 77 2.72 4.78 1.21
N LEU A 78 3.03 5.14 2.42
CA LEU A 78 3.91 6.26 2.65
C LEU A 78 5.33 5.78 2.90
N GLU A 79 5.51 4.47 2.98
CA GLU A 79 6.78 3.93 3.41
C GLU A 79 6.99 2.54 2.88
N ILE A 80 8.05 2.37 2.12
CA ILE A 80 8.45 1.06 1.64
C ILE A 80 9.81 0.71 2.16
N VAL A 81 9.88 -0.34 2.96
CA VAL A 81 11.16 -0.83 3.43
C VAL A 81 11.27 -2.32 3.18
N LYS A 82 12.18 -2.70 2.30
CA LYS A 82 12.39 -4.10 1.99
C LYS A 82 12.78 -4.85 3.26
N THR A 83 11.91 -5.77 3.64
CA THR A 83 12.05 -6.52 4.88
C THR A 83 12.07 -5.60 6.11
N ALA A 84 13.23 -5.04 6.41
CA ALA A 84 13.41 -4.18 7.57
C ALA A 84 14.55 -3.21 7.32
N GLU A 85 15.56 -3.69 6.60
CA GLU A 85 16.67 -2.83 6.19
C GLU A 85 16.21 -1.99 5.00
N THR A 86 15.56 -0.89 5.36
CA THR A 86 14.92 0.05 4.45
C THR A 86 15.56 0.14 3.06
N VAL A 87 14.75 -0.13 2.04
CA VAL A 87 15.13 0.16 0.67
C VAL A 87 14.91 1.64 0.41
N GLU A 88 15.72 2.22 -0.46
CA GLU A 88 15.63 3.65 -0.74
C GLU A 88 15.57 3.90 -2.24
N TRP A 89 14.97 5.01 -2.62
CA TRP A 89 14.83 5.38 -4.01
C TRP A 89 16.11 6.05 -4.51
N MET A 1 -8.36 11.07 9.30
CA MET A 1 -7.26 12.02 8.97
C MET A 1 -6.32 11.42 7.91
N ALA A 2 -5.83 10.23 8.19
CA ALA A 2 -4.84 9.55 7.37
C ALA A 2 -4.49 8.26 8.08
N GLU A 3 -5.45 7.35 8.08
CA GLU A 3 -5.41 6.17 8.92
C GLU A 3 -4.32 5.20 8.46
N CYS A 4 -3.18 5.25 9.14
CA CYS A 4 -2.03 4.44 8.76
C CYS A 4 -2.08 3.06 9.41
N VAL A 5 -1.80 2.04 8.62
CA VAL A 5 -1.71 0.67 9.12
C VAL A 5 -0.40 0.05 8.64
N SER A 6 0.21 -0.77 9.49
CA SER A 6 1.49 -1.36 9.16
C SER A 6 1.32 -2.80 8.69
N GLN A 7 1.63 -3.04 7.43
CA GLN A 7 1.56 -4.38 6.84
C GLN A 7 2.60 -4.52 5.75
N ALA A 8 2.94 -5.75 5.42
CA ALA A 8 3.94 -6.02 4.41
C ALA A 8 3.40 -6.99 3.37
N ILE A 9 3.94 -6.91 2.15
CA ILE A 9 3.42 -7.72 1.03
C ILE A 9 4.54 -7.95 0.01
N ASP A 10 4.25 -8.80 -0.98
CA ASP A 10 5.17 -9.06 -2.08
C ASP A 10 5.27 -7.85 -2.99
N ILE A 11 6.49 -7.49 -3.41
CA ILE A 11 6.63 -6.35 -4.30
C ILE A 11 6.74 -6.80 -5.75
N ASN A 12 7.01 -8.08 -5.96
CA ASN A 12 7.02 -8.64 -7.31
C ASN A 12 5.60 -9.07 -7.64
N GLU A 13 4.79 -9.09 -6.60
CA GLU A 13 3.43 -9.58 -6.63
C GLU A 13 2.50 -8.38 -6.40
N PRO A 14 1.23 -8.47 -6.85
CA PRO A 14 0.24 -7.37 -6.84
C PRO A 14 0.26 -6.53 -5.58
N ILE A 15 0.22 -5.22 -5.74
CA ILE A 15 0.18 -4.32 -4.60
C ILE A 15 -1.24 -4.17 -4.08
N GLY A 16 -2.20 -4.64 -4.87
CA GLY A 16 -3.58 -4.45 -4.52
C GLY A 16 -4.08 -5.46 -3.50
N ASN A 17 -3.21 -6.33 -3.03
CA ASN A 17 -3.62 -7.30 -2.03
C ASN A 17 -3.74 -6.62 -0.68
N LEU A 18 -3.43 -5.33 -0.64
CA LEU A 18 -3.60 -4.54 0.58
C LEU A 18 -5.06 -4.51 1.00
N LYS A 19 -5.95 -4.73 0.05
CA LYS A 19 -7.36 -4.83 0.37
C LYS A 19 -7.63 -6.10 1.16
N LYS A 20 -6.83 -7.13 0.89
CA LYS A 20 -7.03 -8.44 1.50
C LYS A 20 -6.24 -8.57 2.80
N LEU A 21 -5.04 -8.00 2.83
CA LEU A 21 -4.17 -8.11 3.99
C LEU A 21 -4.54 -7.09 5.06
N LEU A 22 -5.10 -5.98 4.66
CA LEU A 22 -5.54 -4.97 5.61
C LEU A 22 -7.02 -5.14 5.90
N GLU A 23 -7.64 -6.04 5.15
CA GLU A 23 -9.02 -6.47 5.39
C GLU A 23 -9.23 -6.83 6.87
N PRO A 24 -8.40 -7.72 7.46
CA PRO A 24 -8.50 -8.05 8.88
C PRO A 24 -8.01 -6.92 9.78
N ARG A 25 -6.91 -6.28 9.37
CA ARG A 25 -6.26 -5.24 10.16
C ARG A 25 -7.19 -4.07 10.46
N LEU A 26 -7.93 -3.63 9.46
CA LEU A 26 -8.77 -2.46 9.61
C LEU A 26 -10.21 -2.85 9.92
N GLN A 27 -10.51 -4.14 9.74
CA GLN A 27 -11.87 -4.66 9.90
C GLN A 27 -12.82 -3.93 8.96
N CYS A 28 -12.26 -3.51 7.84
CA CYS A 28 -13.00 -2.71 6.87
C CYS A 28 -13.12 -3.46 5.56
N SER A 29 -14.07 -3.04 4.75
CA SER A 29 -14.17 -3.52 3.38
C SER A 29 -13.39 -2.57 2.49
N LEU A 30 -12.34 -3.09 1.88
CA LEU A 30 -11.38 -2.24 1.17
C LEU A 30 -11.75 -2.12 -0.31
N ASP A 31 -12.93 -2.60 -0.66
CA ASP A 31 -13.36 -2.67 -2.06
C ASP A 31 -13.80 -1.30 -2.58
N ALA A 32 -13.79 -0.30 -1.71
CA ALA A 32 -14.13 1.06 -2.11
C ALA A 32 -12.85 1.84 -2.38
N HIS A 33 -11.96 1.81 -1.40
CA HIS A 33 -10.68 2.49 -1.47
C HIS A 33 -9.63 1.76 -2.31
N GLU A 34 -9.10 2.51 -3.26
CA GLU A 34 -8.09 2.04 -4.19
C GLU A 34 -6.71 2.19 -3.57
N ILE A 35 -5.75 1.43 -4.06
CA ILE A 35 -4.42 1.45 -3.46
C ILE A 35 -3.56 2.54 -4.11
N CYS A 36 -2.62 3.07 -3.34
CA CYS A 36 -1.84 4.22 -3.74
C CYS A 36 -0.51 4.21 -3.03
N LEU A 37 0.39 5.09 -3.44
CA LEU A 37 1.70 5.15 -2.84
C LEU A 37 2.20 6.57 -2.77
N GLN A 38 2.37 7.07 -1.55
CA GLN A 38 2.79 8.45 -1.33
C GLN A 38 1.92 9.40 -2.15
N ASP A 39 0.65 8.99 -2.25
CA ASP A 39 -0.43 9.77 -2.86
C ASP A 39 -0.51 9.54 -4.36
N ILE A 40 0.51 8.89 -4.93
CA ILE A 40 0.39 8.38 -6.30
C ILE A 40 -0.66 7.30 -6.29
N GLN A 41 -1.39 7.13 -7.38
CA GLN A 41 -2.35 6.06 -7.42
C GLN A 41 -1.73 4.84 -8.10
N LEU A 42 -1.99 3.67 -7.56
CA LEU A 42 -1.37 2.44 -8.02
C LEU A 42 -2.43 1.56 -8.68
N ASP A 43 -2.02 0.45 -9.26
CA ASP A 43 -2.95 -0.47 -9.87
C ASP A 43 -2.77 -1.83 -9.24
N PRO A 44 -3.65 -2.14 -8.30
CA PRO A 44 -3.74 -3.41 -7.57
C PRO A 44 -3.31 -4.65 -8.35
N ASP A 45 -3.51 -4.62 -9.65
CA ASP A 45 -3.19 -5.77 -10.51
C ASP A 45 -1.69 -5.94 -10.65
N ARG A 46 -0.96 -4.85 -10.61
CA ARG A 46 0.48 -4.86 -10.82
C ARG A 46 1.21 -4.77 -9.49
N SER A 47 2.49 -5.07 -9.48
CA SER A 47 3.27 -5.09 -8.24
C SER A 47 4.10 -3.82 -8.03
N LEU A 48 4.85 -3.77 -6.93
CA LEU A 48 5.85 -2.69 -6.72
C LEU A 48 6.86 -2.67 -7.86
N PHE A 49 7.27 -3.86 -8.29
CA PHE A 49 8.14 -4.00 -9.47
C PHE A 49 7.45 -3.49 -10.73
N ASP A 50 6.15 -3.32 -10.67
CA ASP A 50 5.42 -2.73 -11.77
C ASP A 50 5.10 -1.26 -11.47
N GLN A 51 5.14 -0.89 -10.20
CA GLN A 51 4.71 0.44 -9.76
C GLN A 51 5.60 0.97 -8.64
N GLY A 52 6.63 1.70 -9.01
CA GLY A 52 7.40 2.40 -8.01
C GLY A 52 8.82 1.89 -7.83
N VAL A 53 8.99 0.92 -6.95
CA VAL A 53 10.33 0.50 -6.55
C VAL A 53 10.75 -0.81 -7.19
N LYS A 54 12.04 -0.96 -7.37
CA LYS A 54 12.60 -2.22 -7.81
C LYS A 54 13.68 -2.65 -6.83
N THR A 55 13.25 -3.10 -5.67
CA THR A 55 14.17 -3.61 -4.67
C THR A 55 14.14 -5.13 -4.72
N ASP A 56 13.64 -5.80 -3.68
CA ASP A 56 13.47 -7.26 -3.74
C ASP A 56 12.76 -7.80 -2.51
N GLY A 57 11.73 -8.58 -2.75
CA GLY A 57 11.13 -9.37 -1.70
C GLY A 57 9.85 -8.77 -1.16
N THR A 58 9.76 -8.74 0.15
CA THR A 58 8.61 -8.17 0.84
C THR A 58 9.01 -6.88 1.54
N VAL A 59 8.35 -5.79 1.21
CA VAL A 59 8.60 -4.52 1.88
C VAL A 59 7.52 -4.28 2.91
N GLN A 60 7.80 -3.40 3.85
CA GLN A 60 6.85 -3.04 4.87
C GLN A 60 6.20 -1.72 4.48
N LEU A 61 4.89 -1.77 4.28
CA LEU A 61 4.15 -0.63 3.76
C LEU A 61 3.50 0.15 4.89
N SER A 62 3.90 1.40 5.07
CA SER A 62 3.14 2.29 5.92
C SER A 62 2.03 2.90 5.08
N VAL A 63 1.04 2.07 4.81
CA VAL A 63 -0.09 2.45 3.96
C VAL A 63 -1.22 3.07 4.77
N GLN A 64 -1.69 4.22 4.30
CA GLN A 64 -2.71 5.00 4.96
C GLN A 64 -4.02 4.99 4.18
N VAL A 65 -5.14 5.08 4.89
CA VAL A 65 -6.41 5.27 4.24
C VAL A 65 -6.70 6.78 4.17
N ILE A 66 -6.86 7.27 2.95
CA ILE A 66 -7.04 8.68 2.70
C ILE A 66 -8.39 9.00 2.09
N SER A 67 -9.12 9.88 2.73
CA SER A 67 -10.18 10.60 2.04
C SER A 67 -10.12 12.06 2.46
N TYR A 68 -9.34 12.84 1.72
CA TYR A 68 -9.15 14.27 2.01
C TYR A 68 -10.23 15.10 1.35
N GLN A 69 -10.87 15.97 2.12
CA GLN A 69 -11.99 16.79 1.64
C GLN A 69 -13.07 15.93 1.02
N GLY A 70 -13.18 14.68 1.50
CA GLY A 70 -14.13 13.76 0.91
C GLY A 70 -13.74 13.38 -0.50
N MET A 71 -12.48 13.03 -0.68
CA MET A 71 -11.98 12.62 -2.00
C MET A 71 -11.98 11.12 -2.10
N GLU A 72 -11.64 10.62 -3.30
CA GLU A 72 -11.63 9.19 -3.58
C GLU A 72 -10.71 8.47 -2.60
N PRO A 73 -11.30 7.70 -1.67
CA PRO A 73 -10.56 6.91 -0.70
C PRO A 73 -9.40 6.14 -1.33
N LYS A 74 -8.20 6.56 -0.96
CA LYS A 74 -6.97 5.88 -1.36
C LYS A 74 -6.32 5.19 -0.17
N LEU A 75 -5.68 4.05 -0.42
CA LEU A 75 -4.74 3.50 0.54
C LEU A 75 -3.33 3.76 0.04
N ASN A 76 -2.66 4.78 0.58
CA ASN A 76 -1.33 5.11 0.08
C ASN A 76 -0.24 4.60 0.98
N ILE A 77 0.68 3.89 0.40
CA ILE A 77 1.88 3.51 1.08
C ILE A 77 2.78 4.73 1.19
N LEU A 78 3.05 5.16 2.41
CA LEU A 78 3.92 6.30 2.60
C LEU A 78 5.34 5.84 2.82
N GLU A 79 5.54 4.54 2.92
CA GLU A 79 6.85 4.03 3.27
C GLU A 79 7.03 2.64 2.73
N ILE A 80 8.08 2.46 1.96
CA ILE A 80 8.44 1.16 1.46
C ILE A 80 9.81 0.79 1.97
N VAL A 81 9.87 -0.24 2.80
CA VAL A 81 11.13 -0.69 3.31
C VAL A 81 11.25 -2.19 3.14
N LYS A 82 12.14 -2.61 2.24
CA LYS A 82 12.37 -4.01 2.01
C LYS A 82 12.76 -4.69 3.31
N THR A 83 11.96 -5.68 3.68
CA THR A 83 12.09 -6.37 4.95
C THR A 83 11.67 -5.46 6.11
N ALA A 84 12.52 -4.48 6.38
CA ALA A 84 12.33 -3.52 7.47
C ALA A 84 13.58 -2.68 7.56
N GLU A 85 14.71 -3.37 7.51
CA GLU A 85 16.01 -2.73 7.49
C GLU A 85 16.69 -3.04 6.16
N THR A 86 17.89 -2.49 5.98
CA THR A 86 18.74 -2.68 4.78
C THR A 86 18.13 -2.10 3.50
N VAL A 87 16.82 -1.85 3.51
CA VAL A 87 16.19 -1.04 2.47
C VAL A 87 16.94 0.28 2.27
N GLU A 88 17.12 0.65 1.02
CA GLU A 88 17.79 1.89 0.68
C GLU A 88 16.84 2.75 -0.14
N TRP A 89 16.73 4.02 0.21
CA TRP A 89 15.78 4.90 -0.45
C TRP A 89 16.51 5.99 -1.21
N MET A 1 -8.58 12.62 8.34
CA MET A 1 -7.66 11.83 9.18
C MET A 1 -7.05 10.67 8.39
N ALA A 2 -5.80 10.81 8.02
CA ALA A 2 -5.08 9.74 7.33
C ALA A 2 -4.67 8.67 8.32
N GLU A 3 -5.34 7.53 8.25
CA GLU A 3 -5.10 6.44 9.18
C GLU A 3 -4.15 5.42 8.58
N CYS A 4 -3.04 5.17 9.27
CA CYS A 4 -1.99 4.30 8.74
C CYS A 4 -2.03 2.92 9.37
N VAL A 5 -1.73 1.91 8.56
CA VAL A 5 -1.63 0.54 9.04
C VAL A 5 -0.31 -0.06 8.57
N SER A 6 0.30 -0.91 9.40
CA SER A 6 1.56 -1.54 9.05
C SER A 6 1.33 -2.81 8.26
N GLN A 7 1.52 -2.71 6.96
CA GLN A 7 1.28 -3.81 6.05
C GLN A 7 2.56 -4.20 5.33
N ALA A 8 2.87 -5.48 5.27
CA ALA A 8 3.96 -5.96 4.45
C ALA A 8 3.46 -6.95 3.40
N ILE A 9 4.02 -6.90 2.19
CA ILE A 9 3.50 -7.70 1.08
C ILE A 9 4.61 -8.05 0.09
N ASP A 10 4.29 -8.94 -0.83
CA ASP A 10 5.15 -9.29 -1.94
C ASP A 10 5.24 -8.13 -2.92
N ILE A 11 6.44 -7.67 -3.27
CA ILE A 11 6.55 -6.52 -4.17
C ILE A 11 6.70 -6.95 -5.61
N ASN A 12 7.05 -8.20 -5.81
CA ASN A 12 7.12 -8.76 -7.14
C ASN A 12 5.75 -9.34 -7.49
N GLU A 13 4.83 -9.17 -6.53
CA GLU A 13 3.48 -9.65 -6.62
C GLU A 13 2.53 -8.45 -6.46
N PRO A 14 1.22 -8.64 -6.69
CA PRO A 14 0.22 -7.56 -6.68
C PRO A 14 0.31 -6.64 -5.46
N ILE A 15 0.30 -5.34 -5.68
CA ILE A 15 0.29 -4.38 -4.56
C ILE A 15 -1.14 -4.20 -4.06
N GLY A 16 -2.10 -4.65 -4.85
CA GLY A 16 -3.49 -4.46 -4.50
C GLY A 16 -3.97 -5.45 -3.48
N ASN A 17 -3.08 -6.32 -3.02
CA ASN A 17 -3.45 -7.32 -2.03
C ASN A 17 -3.64 -6.67 -0.67
N LEU A 18 -3.32 -5.38 -0.57
CA LEU A 18 -3.52 -4.62 0.67
C LEU A 18 -4.98 -4.62 1.08
N LYS A 19 -5.87 -4.75 0.10
CA LYS A 19 -7.29 -4.80 0.40
C LYS A 19 -7.61 -6.12 1.08
N LYS A 20 -6.80 -7.13 0.82
CA LYS A 20 -7.04 -8.46 1.32
C LYS A 20 -6.34 -8.68 2.67
N LEU A 21 -5.17 -8.06 2.85
CA LEU A 21 -4.38 -8.29 4.05
C LEU A 21 -4.76 -7.30 5.16
N LEU A 22 -5.26 -6.13 4.77
CA LEU A 22 -5.73 -5.15 5.75
C LEU A 22 -7.22 -5.32 5.95
N GLU A 23 -7.81 -6.20 5.16
CA GLU A 23 -9.20 -6.64 5.31
C GLU A 23 -9.53 -6.97 6.78
N PRO A 24 -8.72 -7.83 7.46
CA PRO A 24 -8.93 -8.12 8.88
C PRO A 24 -8.48 -6.96 9.77
N ARG A 25 -7.45 -6.26 9.33
CA ARG A 25 -6.82 -5.22 10.13
C ARG A 25 -7.72 -4.01 10.33
N LEU A 26 -8.35 -3.56 9.28
CA LEU A 26 -9.18 -2.37 9.35
C LEU A 26 -10.64 -2.74 9.60
N GLN A 27 -10.93 -4.03 9.50
CA GLN A 27 -12.29 -4.55 9.64
C GLN A 27 -13.22 -3.84 8.65
N CYS A 28 -12.63 -3.49 7.51
CA CYS A 28 -13.32 -2.72 6.50
C CYS A 28 -13.46 -3.49 5.19
N SER A 29 -14.42 -3.07 4.38
CA SER A 29 -14.52 -3.53 3.00
C SER A 29 -13.65 -2.62 2.14
N LEU A 30 -12.50 -3.14 1.74
CA LEU A 30 -11.48 -2.33 1.09
C LEU A 30 -11.79 -2.09 -0.39
N ASP A 31 -12.85 -2.71 -0.89
CA ASP A 31 -13.11 -2.73 -2.33
C ASP A 31 -13.71 -1.41 -2.82
N ALA A 32 -13.81 -0.44 -1.94
CA ALA A 32 -14.20 0.91 -2.32
C ALA A 32 -12.95 1.76 -2.50
N HIS A 33 -11.99 1.51 -1.63
CA HIS A 33 -10.76 2.28 -1.59
C HIS A 33 -9.60 1.58 -2.29
N GLU A 34 -9.05 2.31 -3.24
CA GLU A 34 -8.00 1.81 -4.11
C GLU A 34 -6.64 2.05 -3.49
N ILE A 35 -5.63 1.33 -3.96
CA ILE A 35 -4.31 1.40 -3.36
C ILE A 35 -3.49 2.51 -4.01
N CYS A 36 -2.56 3.06 -3.23
CA CYS A 36 -1.78 4.21 -3.65
C CYS A 36 -0.45 4.23 -2.92
N LEU A 37 0.44 5.11 -3.34
CA LEU A 37 1.73 5.25 -2.73
C LEU A 37 2.12 6.70 -2.66
N GLN A 38 2.24 7.23 -1.46
CA GLN A 38 2.55 8.65 -1.26
C GLN A 38 1.60 9.51 -2.06
N ASP A 39 0.34 9.04 -2.11
CA ASP A 39 -0.79 9.75 -2.73
C ASP A 39 -0.93 9.39 -4.21
N ILE A 40 0.15 8.93 -4.83
CA ILE A 40 0.10 8.46 -6.21
C ILE A 40 -0.67 7.15 -6.25
N GLN A 41 -1.65 7.06 -7.12
CA GLN A 41 -2.42 5.84 -7.24
C GLN A 41 -1.61 4.75 -7.94
N LEU A 42 -1.88 3.51 -7.53
CA LEU A 42 -1.12 2.34 -7.99
C LEU A 42 -2.07 1.37 -8.69
N ASP A 43 -1.53 0.27 -9.19
CA ASP A 43 -2.34 -0.73 -9.85
C ASP A 43 -2.33 -2.01 -9.05
N PRO A 44 -3.44 -2.31 -8.37
CA PRO A 44 -3.65 -3.59 -7.66
C PRO A 44 -3.29 -4.80 -8.53
N ASP A 45 -3.44 -4.62 -9.83
CA ASP A 45 -3.13 -5.66 -10.81
C ASP A 45 -1.63 -5.87 -10.97
N ARG A 46 -0.86 -4.88 -10.58
CA ARG A 46 0.58 -4.88 -10.82
C ARG A 46 1.34 -4.85 -9.49
N SER A 47 2.63 -5.18 -9.54
CA SER A 47 3.45 -5.24 -8.35
C SER A 47 4.24 -3.95 -8.12
N LEU A 48 5.01 -3.90 -7.02
CA LEU A 48 6.00 -2.82 -6.82
C LEU A 48 7.03 -2.85 -7.94
N PHE A 49 7.40 -4.05 -8.36
CA PHE A 49 8.23 -4.23 -9.54
C PHE A 49 7.54 -3.73 -10.81
N ASP A 50 6.24 -3.52 -10.72
CA ASP A 50 5.49 -2.90 -11.80
C ASP A 50 5.17 -1.44 -11.48
N GLN A 51 5.36 -1.05 -10.22
CA GLN A 51 5.06 0.30 -9.77
C GLN A 51 6.09 0.79 -8.76
N GLY A 52 7.09 1.51 -9.23
CA GLY A 52 7.98 2.19 -8.31
C GLY A 52 9.31 1.49 -8.13
N VAL A 53 9.41 0.64 -7.13
CA VAL A 53 10.70 0.15 -6.69
C VAL A 53 11.07 -1.18 -7.32
N LYS A 54 12.35 -1.34 -7.58
CA LYS A 54 12.86 -2.62 -8.01
C LYS A 54 13.95 -3.06 -7.04
N THR A 55 13.51 -3.46 -5.87
CA THR A 55 14.42 -3.99 -4.88
C THR A 55 14.26 -5.52 -4.84
N ASP A 56 13.65 -6.05 -3.79
CA ASP A 56 13.29 -7.47 -3.78
C ASP A 56 12.54 -7.84 -2.50
N GLY A 57 11.58 -8.73 -2.66
CA GLY A 57 11.04 -9.44 -1.52
C GLY A 57 9.79 -8.81 -0.97
N THR A 58 9.72 -8.77 0.35
CA THR A 58 8.59 -8.21 1.04
C THR A 58 8.98 -6.90 1.73
N VAL A 59 8.38 -5.80 1.29
CA VAL A 59 8.65 -4.52 1.92
C VAL A 59 7.59 -4.21 2.96
N GLN A 60 7.90 -3.29 3.84
CA GLN A 60 6.96 -2.90 4.88
C GLN A 60 6.36 -1.55 4.48
N LEU A 61 5.05 -1.57 4.30
CA LEU A 61 4.31 -0.44 3.79
C LEU A 61 3.64 0.33 4.92
N SER A 62 4.05 1.57 5.12
CA SER A 62 3.28 2.45 5.97
C SER A 62 2.17 3.06 5.14
N VAL A 63 1.17 2.23 4.87
CA VAL A 63 0.06 2.60 4.03
C VAL A 63 -1.10 3.21 4.84
N GLN A 64 -1.55 4.38 4.39
CA GLN A 64 -2.59 5.15 5.04
C GLN A 64 -3.91 5.06 4.28
N VAL A 65 -5.02 5.15 4.99
CA VAL A 65 -6.30 5.27 4.36
C VAL A 65 -6.66 6.75 4.24
N ILE A 66 -6.83 7.19 3.01
CA ILE A 66 -7.07 8.59 2.72
C ILE A 66 -8.47 8.84 2.19
N SER A 67 -9.25 9.58 2.95
CA SER A 67 -10.41 10.27 2.41
C SER A 67 -10.43 11.68 3.00
N TYR A 68 -9.82 12.62 2.27
CA TYR A 68 -9.61 13.97 2.79
C TYR A 68 -10.78 14.91 2.47
N GLN A 69 -10.58 15.74 1.46
CA GLN A 69 -11.53 16.78 1.09
C GLN A 69 -12.45 16.31 -0.05
N GLY A 70 -13.38 15.44 0.26
CA GLY A 70 -14.21 14.84 -0.77
C GLY A 70 -13.35 14.12 -1.77
N MET A 71 -12.45 13.31 -1.27
CA MET A 71 -11.46 12.64 -2.10
C MET A 71 -11.82 11.18 -2.29
N GLU A 72 -11.18 10.57 -3.27
CA GLU A 72 -11.32 9.15 -3.49
C GLU A 72 -10.58 8.40 -2.39
N PRO A 73 -11.30 7.58 -1.61
CA PRO A 73 -10.68 6.72 -0.60
C PRO A 73 -9.50 5.95 -1.18
N LYS A 74 -8.31 6.31 -0.74
CA LYS A 74 -7.08 5.70 -1.22
C LYS A 74 -6.30 5.11 -0.06
N LEU A 75 -5.67 3.98 -0.29
CA LEU A 75 -4.71 3.48 0.68
C LEU A 75 -3.31 3.73 0.16
N ASN A 76 -2.65 4.77 0.65
CA ASN A 76 -1.32 5.12 0.13
C ASN A 76 -0.22 4.64 1.02
N ILE A 77 0.70 3.91 0.43
CA ILE A 77 1.93 3.56 1.08
C ILE A 77 2.82 4.79 1.18
N LEU A 78 3.12 5.21 2.39
CA LEU A 78 3.96 6.38 2.55
C LEU A 78 5.42 5.99 2.63
N GLU A 79 5.71 4.69 2.73
CA GLU A 79 7.07 4.25 2.91
C GLU A 79 7.22 2.80 2.50
N ILE A 80 8.22 2.55 1.68
CA ILE A 80 8.53 1.20 1.26
C ILE A 80 9.90 0.82 1.78
N VAL A 81 9.96 -0.21 2.59
CA VAL A 81 11.23 -0.69 3.08
C VAL A 81 11.30 -2.21 2.95
N LYS A 82 12.13 -2.69 2.02
CA LYS A 82 12.31 -4.12 1.87
C LYS A 82 12.84 -4.69 3.19
N THR A 83 12.00 -5.49 3.81
CA THR A 83 12.19 -5.95 5.17
C THR A 83 12.15 -4.76 6.15
N ALA A 84 13.21 -3.96 6.14
CA ALA A 84 13.34 -2.78 6.98
C ALA A 84 14.72 -2.16 6.80
N GLU A 85 15.72 -2.87 7.32
CA GLU A 85 17.09 -2.37 7.35
C GLU A 85 17.94 -3.00 6.24
N THR A 86 17.84 -2.41 5.04
CA THR A 86 18.63 -2.82 3.89
C THR A 86 18.21 -2.02 2.67
N VAL A 87 16.92 -1.77 2.58
CA VAL A 87 16.40 -0.84 1.59
C VAL A 87 16.98 0.55 1.86
N GLU A 88 17.08 1.37 0.84
CA GLU A 88 17.67 2.68 0.99
C GLU A 88 16.72 3.74 0.45
N TRP A 89 16.06 4.44 1.36
CA TRP A 89 15.02 5.38 1.01
C TRP A 89 15.52 6.81 1.15
N MET A 1 -8.37 11.74 8.18
CA MET A 1 -7.43 12.41 7.24
C MET A 1 -6.65 11.37 6.44
N ALA A 2 -5.87 10.58 7.16
CA ALA A 2 -5.04 9.54 6.55
C ALA A 2 -4.68 8.49 7.58
N GLU A 3 -5.48 7.43 7.63
CA GLU A 3 -5.36 6.41 8.65
C GLU A 3 -4.31 5.36 8.27
N CYS A 4 -3.19 5.35 8.99
CA CYS A 4 -2.08 4.47 8.67
C CYS A 4 -2.24 3.09 9.31
N VAL A 5 -1.82 2.07 8.57
CA VAL A 5 -1.80 0.71 9.08
C VAL A 5 -0.49 0.03 8.63
N SER A 6 0.09 -0.80 9.48
CA SER A 6 1.37 -1.42 9.18
C SER A 6 1.18 -2.86 8.68
N GLN A 7 1.53 -3.07 7.41
CA GLN A 7 1.47 -4.40 6.81
C GLN A 7 2.54 -4.55 5.75
N ALA A 8 2.94 -5.77 5.48
CA ALA A 8 3.96 -6.05 4.48
C ALA A 8 3.40 -6.92 3.37
N ILE A 9 3.99 -6.81 2.17
CA ILE A 9 3.48 -7.53 0.99
C ILE A 9 4.63 -7.81 0.03
N ASP A 10 4.35 -8.66 -0.94
CA ASP A 10 5.26 -8.94 -2.04
C ASP A 10 5.36 -7.73 -2.96
N ILE A 11 6.57 -7.35 -3.38
CA ILE A 11 6.72 -6.21 -4.26
C ILE A 11 6.75 -6.66 -5.71
N ASN A 12 7.04 -7.92 -5.91
CA ASN A 12 7.09 -8.47 -7.26
C ASN A 12 5.70 -8.98 -7.60
N GLU A 13 4.83 -9.00 -6.58
CA GLU A 13 3.48 -9.48 -6.71
C GLU A 13 2.50 -8.31 -6.49
N PRO A 14 1.19 -8.53 -6.67
CA PRO A 14 0.18 -7.46 -6.69
C PRO A 14 0.23 -6.53 -5.48
N ILE A 15 0.29 -5.22 -5.75
CA ILE A 15 0.26 -4.22 -4.69
C ILE A 15 -1.17 -4.03 -4.20
N GLY A 16 -2.12 -4.41 -5.04
CA GLY A 16 -3.52 -4.27 -4.69
C GLY A 16 -3.96 -5.35 -3.76
N ASN A 17 -3.01 -6.17 -3.31
CA ASN A 17 -3.27 -7.24 -2.37
C ASN A 17 -3.63 -6.65 -1.01
N LEU A 18 -3.40 -5.34 -0.87
CA LEU A 18 -3.63 -4.63 0.39
C LEU A 18 -5.08 -4.71 0.85
N LYS A 19 -6.01 -4.87 -0.08
CA LYS A 19 -7.42 -4.91 0.28
C LYS A 19 -7.73 -6.23 0.96
N LYS A 20 -6.88 -7.21 0.74
CA LYS A 20 -7.01 -8.51 1.36
C LYS A 20 -6.26 -8.56 2.69
N LEU A 21 -5.02 -8.08 2.68
CA LEU A 21 -4.16 -8.19 3.85
C LEU A 21 -4.52 -7.17 4.94
N LEU A 22 -5.05 -6.03 4.54
CA LEU A 22 -5.39 -4.99 5.50
C LEU A 22 -6.81 -5.12 6.01
N GLU A 23 -7.56 -6.07 5.44
CA GLU A 23 -8.91 -6.36 5.91
C GLU A 23 -8.91 -6.70 7.41
N PRO A 24 -8.11 -7.71 7.84
CA PRO A 24 -8.02 -8.09 9.27
C PRO A 24 -7.47 -6.96 10.12
N ARG A 25 -6.63 -6.15 9.51
CA ARG A 25 -5.90 -5.11 10.23
C ARG A 25 -6.81 -3.96 10.65
N LEU A 26 -7.66 -3.53 9.74
CA LEU A 26 -8.51 -2.38 10.00
C LEU A 26 -9.93 -2.80 10.35
N GLN A 27 -10.24 -4.05 10.05
CA GLN A 27 -11.62 -4.57 10.15
C GLN A 27 -12.53 -3.76 9.23
N CYS A 28 -11.90 -3.22 8.21
CA CYS A 28 -12.59 -2.35 7.26
C CYS A 28 -12.82 -3.09 5.96
N SER A 29 -13.94 -2.81 5.32
CA SER A 29 -14.23 -3.36 4.03
C SER A 29 -13.43 -2.62 2.96
N LEU A 30 -12.43 -3.28 2.42
CA LEU A 30 -11.56 -2.65 1.44
C LEU A 30 -12.15 -2.81 0.05
N ASP A 31 -12.82 -1.78 -0.44
CA ASP A 31 -13.54 -1.85 -1.71
C ASP A 31 -13.35 -0.59 -2.56
N ALA A 32 -14.03 0.50 -2.22
CA ALA A 32 -14.03 1.71 -3.03
C ALA A 32 -12.68 2.43 -3.00
N HIS A 33 -11.93 2.23 -1.92
CA HIS A 33 -10.62 2.84 -1.81
C HIS A 33 -9.57 2.14 -2.64
N GLU A 34 -9.01 2.92 -3.56
CA GLU A 34 -7.99 2.46 -4.47
C GLU A 34 -6.63 2.50 -3.78
N ILE A 35 -5.71 1.65 -4.22
CA ILE A 35 -4.41 1.58 -3.60
C ILE A 35 -3.50 2.65 -4.18
N CYS A 36 -2.58 3.14 -3.37
CA CYS A 36 -1.75 4.27 -3.73
C CYS A 36 -0.44 4.23 -2.99
N LEU A 37 0.47 5.11 -3.36
CA LEU A 37 1.76 5.19 -2.72
C LEU A 37 2.22 6.62 -2.68
N GLN A 38 2.36 7.17 -1.48
CA GLN A 38 2.72 8.57 -1.32
C GLN A 38 1.75 9.44 -2.12
N ASP A 39 0.50 8.95 -2.17
CA ASP A 39 -0.63 9.61 -2.84
C ASP A 39 -0.69 9.25 -4.32
N ILE A 40 0.39 8.72 -4.87
CA ILE A 40 0.40 8.22 -6.24
C ILE A 40 -0.51 7.02 -6.35
N GLN A 41 -1.56 7.10 -7.13
CA GLN A 41 -2.45 5.95 -7.30
C GLN A 41 -1.72 4.83 -8.04
N LEU A 42 -1.92 3.62 -7.56
CA LEU A 42 -1.19 2.46 -8.04
C LEU A 42 -2.15 1.52 -8.75
N ASP A 43 -1.64 0.41 -9.28
CA ASP A 43 -2.47 -0.55 -9.97
C ASP A 43 -2.38 -1.91 -9.31
N PRO A 44 -3.47 -2.32 -8.65
CA PRO A 44 -3.62 -3.67 -8.06
C PRO A 44 -3.28 -4.79 -9.06
N ASP A 45 -3.40 -4.47 -10.34
CA ASP A 45 -3.07 -5.41 -11.41
C ASP A 45 -1.57 -5.63 -11.51
N ARG A 46 -0.81 -4.72 -10.92
CA ARG A 46 0.63 -4.67 -11.08
C ARG A 46 1.31 -4.66 -9.72
N SER A 47 2.61 -4.94 -9.71
CA SER A 47 3.37 -5.04 -8.47
C SER A 47 4.19 -3.77 -8.19
N LEU A 48 4.90 -3.73 -7.05
CA LEU A 48 5.88 -2.67 -6.79
C LEU A 48 6.96 -2.66 -7.87
N PHE A 49 7.34 -3.85 -8.32
CA PHE A 49 8.22 -4.00 -9.48
C PHE A 49 7.58 -3.42 -10.76
N ASP A 50 6.28 -3.19 -10.72
CA ASP A 50 5.60 -2.51 -11.80
C ASP A 50 5.23 -1.08 -11.41
N GLN A 51 5.37 -0.77 -10.14
CA GLN A 51 4.99 0.54 -9.62
C GLN A 51 5.97 1.03 -8.57
N GLY A 52 6.99 1.75 -9.00
CA GLY A 52 7.84 2.43 -8.07
C GLY A 52 9.18 1.78 -7.84
N VAL A 53 9.26 0.89 -6.87
CA VAL A 53 10.54 0.41 -6.38
C VAL A 53 10.95 -0.89 -7.05
N LYS A 54 12.22 -0.97 -7.40
CA LYS A 54 12.80 -2.22 -7.83
C LYS A 54 13.87 -2.62 -6.83
N THR A 55 13.43 -3.08 -5.67
CA THR A 55 14.32 -3.50 -4.63
C THR A 55 14.37 -5.03 -4.55
N ASP A 56 13.65 -5.64 -3.61
CA ASP A 56 13.60 -7.09 -3.54
C ASP A 56 12.68 -7.60 -2.44
N GLY A 57 11.74 -8.46 -2.85
CA GLY A 57 11.04 -9.31 -1.91
C GLY A 57 9.81 -8.69 -1.31
N THR A 58 9.74 -8.72 0.01
CA THR A 58 8.60 -8.20 0.75
C THR A 58 9.02 -6.92 1.49
N VAL A 59 8.33 -5.83 1.21
CA VAL A 59 8.60 -4.59 1.94
C VAL A 59 7.51 -4.36 2.97
N GLN A 60 7.77 -3.46 3.89
CA GLN A 60 6.81 -3.11 4.90
C GLN A 60 6.16 -1.80 4.49
N LEU A 61 4.84 -1.84 4.33
CA LEU A 61 4.09 -0.71 3.82
C LEU A 61 3.43 0.05 4.94
N SER A 62 3.79 1.31 5.12
CA SER A 62 2.99 2.19 5.96
C SER A 62 1.89 2.78 5.08
N VAL A 63 0.93 1.93 4.79
CA VAL A 63 -0.18 2.30 3.93
C VAL A 63 -1.29 2.98 4.73
N GLN A 64 -1.78 4.07 4.18
CA GLN A 64 -2.71 4.95 4.86
C GLN A 64 -4.04 5.04 4.12
N VAL A 65 -5.10 5.25 4.85
CA VAL A 65 -6.42 5.43 4.28
C VAL A 65 -6.73 6.92 4.12
N ILE A 66 -6.68 7.39 2.89
CA ILE A 66 -6.92 8.78 2.58
C ILE A 66 -8.30 9.01 2.01
N SER A 67 -9.14 9.66 2.77
CA SER A 67 -10.30 10.31 2.20
C SER A 67 -10.31 11.75 2.67
N TYR A 68 -9.70 12.63 1.89
CA TYR A 68 -9.62 14.04 2.23
C TYR A 68 -10.87 14.77 1.79
N GLN A 69 -10.82 16.09 1.88
CA GLN A 69 -11.93 16.96 1.48
C GLN A 69 -12.50 16.56 0.12
N GLY A 70 -13.64 15.85 0.15
CA GLY A 70 -14.31 15.42 -1.06
C GLY A 70 -13.40 14.65 -2.00
N MET A 71 -12.43 13.95 -1.44
CA MET A 71 -11.40 13.32 -2.23
C MET A 71 -11.65 11.84 -2.39
N GLU A 72 -10.87 11.23 -3.28
CA GLU A 72 -11.00 9.81 -3.58
C GLU A 72 -10.38 9.00 -2.45
N PRO A 73 -11.18 8.17 -1.77
CA PRO A 73 -10.66 7.20 -0.81
C PRO A 73 -9.53 6.36 -1.40
N LYS A 74 -8.34 6.56 -0.87
CA LYS A 74 -7.17 5.82 -1.33
C LYS A 74 -6.47 5.16 -0.16
N LEU A 75 -5.88 4.01 -0.39
CA LEU A 75 -4.94 3.46 0.57
C LEU A 75 -3.53 3.72 0.05
N ASN A 76 -2.86 4.73 0.57
CA ASN A 76 -1.52 5.03 0.07
C ASN A 76 -0.44 4.57 0.99
N ILE A 77 0.51 3.90 0.43
CA ILE A 77 1.69 3.54 1.14
C ILE A 77 2.61 4.73 1.25
N LEU A 78 2.94 5.12 2.45
CA LEU A 78 3.82 6.25 2.62
C LEU A 78 5.25 5.76 2.84
N GLU A 79 5.41 4.46 3.03
CA GLU A 79 6.70 3.92 3.43
C GLU A 79 6.88 2.54 2.85
N ILE A 80 7.96 2.37 2.11
CA ILE A 80 8.34 1.08 1.58
C ILE A 80 9.70 0.70 2.08
N VAL A 81 9.77 -0.36 2.85
CA VAL A 81 11.04 -0.84 3.34
C VAL A 81 11.12 -2.34 3.28
N LYS A 82 11.93 -2.84 2.34
CA LYS A 82 12.06 -4.27 2.14
C LYS A 82 12.55 -4.94 3.41
N THR A 83 12.03 -6.13 3.63
CA THR A 83 12.29 -6.89 4.84
C THR A 83 11.61 -6.24 6.04
N ALA A 84 12.16 -5.13 6.50
CA ALA A 84 11.64 -4.42 7.65
C ALA A 84 12.22 -3.01 7.68
N GLU A 85 13.51 -2.91 7.93
CA GLU A 85 14.21 -1.65 7.81
C GLU A 85 15.56 -1.85 7.10
N THR A 86 15.64 -1.47 5.83
CA THR A 86 16.91 -1.57 5.12
C THR A 86 16.91 -0.81 3.80
N VAL A 87 15.88 -0.98 2.98
CA VAL A 87 15.86 -0.29 1.68
C VAL A 87 15.77 1.23 1.87
N GLU A 88 16.62 1.94 1.14
CA GLU A 88 16.70 3.38 1.20
C GLU A 88 16.85 3.92 -0.23
N TRP A 89 15.80 4.56 -0.74
CA TRP A 89 15.84 5.07 -2.10
C TRP A 89 16.29 6.52 -2.12
N MET A 1 -5.70 11.80 12.46
CA MET A 1 -6.48 11.60 11.22
C MET A 1 -5.68 10.75 10.23
N ALA A 2 -6.35 10.33 9.15
CA ALA A 2 -5.73 9.47 8.14
C ALA A 2 -5.25 8.17 8.76
N GLU A 3 -6.14 7.20 8.82
CA GLU A 3 -5.87 5.91 9.44
C GLU A 3 -4.67 5.22 8.81
N CYS A 4 -3.68 4.91 9.62
CA CYS A 4 -2.45 4.29 9.13
C CYS A 4 -2.37 2.84 9.61
N VAL A 5 -1.87 1.96 8.76
CA VAL A 5 -1.68 0.57 9.13
C VAL A 5 -0.32 0.07 8.64
N SER A 6 0.39 -0.65 9.49
CA SER A 6 1.69 -1.18 9.13
C SER A 6 1.56 -2.65 8.75
N GLN A 7 1.85 -2.96 7.50
CA GLN A 7 1.80 -4.33 6.98
C GLN A 7 2.77 -4.48 5.84
N ALA A 8 3.13 -5.71 5.55
CA ALA A 8 4.09 -6.00 4.50
C ALA A 8 3.49 -6.93 3.46
N ILE A 9 4.03 -6.88 2.24
CA ILE A 9 3.49 -7.67 1.12
C ILE A 9 4.60 -7.96 0.11
N ASP A 10 4.30 -8.82 -0.85
CA ASP A 10 5.20 -9.10 -1.96
C ASP A 10 5.30 -7.89 -2.90
N ILE A 11 6.51 -7.53 -3.31
CA ILE A 11 6.67 -6.40 -4.21
C ILE A 11 6.68 -6.89 -5.65
N ASN A 12 7.02 -8.15 -5.84
CA ASN A 12 7.07 -8.74 -7.15
C ASN A 12 5.67 -9.21 -7.52
N GLU A 13 4.79 -9.15 -6.52
CA GLU A 13 3.42 -9.61 -6.64
C GLU A 13 2.48 -8.42 -6.46
N PRO A 14 1.17 -8.62 -6.67
CA PRO A 14 0.14 -7.56 -6.64
C PRO A 14 0.24 -6.64 -5.43
N ILE A 15 0.21 -5.32 -5.67
CA ILE A 15 0.22 -4.36 -4.56
C ILE A 15 -1.19 -4.16 -4.04
N GLY A 16 -2.16 -4.57 -4.82
CA GLY A 16 -3.53 -4.36 -4.43
C GLY A 16 -4.01 -5.39 -3.47
N ASN A 17 -3.13 -6.28 -3.04
CA ASN A 17 -3.49 -7.28 -2.08
C ASN A 17 -3.65 -6.64 -0.69
N LEU A 18 -3.38 -5.34 -0.63
CA LEU A 18 -3.59 -4.56 0.58
C LEU A 18 -5.07 -4.59 0.98
N LYS A 19 -5.93 -4.80 0.00
CA LYS A 19 -7.35 -4.91 0.25
C LYS A 19 -7.65 -6.24 0.94
N LYS A 20 -6.75 -7.20 0.73
CA LYS A 20 -6.89 -8.53 1.29
C LYS A 20 -6.22 -8.63 2.66
N LEU A 21 -4.98 -8.16 2.74
CA LEU A 21 -4.17 -8.28 3.94
C LEU A 21 -4.62 -7.30 5.02
N LEU A 22 -5.13 -6.15 4.61
CA LEU A 22 -5.50 -5.12 5.57
C LEU A 22 -6.99 -5.16 5.91
N GLU A 23 -7.71 -6.07 5.26
CA GLU A 23 -9.11 -6.31 5.57
C GLU A 23 -9.31 -6.59 7.07
N PRO A 24 -8.57 -7.56 7.66
CA PRO A 24 -8.66 -7.84 9.09
C PRO A 24 -8.10 -6.71 9.94
N ARG A 25 -7.11 -6.02 9.39
CA ARG A 25 -6.38 -4.99 10.10
C ARG A 25 -7.20 -3.72 10.28
N LEU A 26 -7.86 -3.30 9.22
CA LEU A 26 -8.62 -2.05 9.24
C LEU A 26 -10.08 -2.30 9.59
N GLN A 27 -10.48 -3.58 9.50
CA GLN A 27 -11.87 -3.99 9.69
C GLN A 27 -12.77 -3.27 8.68
N CYS A 28 -12.14 -2.82 7.61
CA CYS A 28 -12.81 -2.02 6.61
C CYS A 28 -13.12 -2.84 5.37
N SER A 29 -14.13 -2.44 4.62
CA SER A 29 -14.47 -3.10 3.39
C SER A 29 -13.66 -2.50 2.26
N LEU A 30 -12.49 -3.08 2.02
CA LEU A 30 -11.56 -2.54 1.02
C LEU A 30 -12.14 -2.77 -0.37
N ASP A 31 -12.73 -1.73 -0.93
CA ASP A 31 -13.44 -1.87 -2.19
C ASP A 31 -13.41 -0.56 -2.98
N ALA A 32 -14.19 0.43 -2.55
CA ALA A 32 -14.21 1.74 -3.21
C ALA A 32 -12.88 2.44 -3.13
N HIS A 33 -12.14 2.17 -2.07
CA HIS A 33 -10.81 2.74 -1.89
C HIS A 33 -9.75 1.98 -2.65
N GLU A 34 -9.14 2.70 -3.57
CA GLU A 34 -8.07 2.17 -4.41
C GLU A 34 -6.75 2.16 -3.64
N ILE A 35 -5.75 1.49 -4.17
CA ILE A 35 -4.44 1.48 -3.53
C ILE A 35 -3.57 2.56 -4.16
N CYS A 36 -2.66 3.10 -3.39
CA CYS A 36 -1.88 4.26 -3.79
C CYS A 36 -0.55 4.27 -3.07
N LEU A 37 0.33 5.17 -3.46
CA LEU A 37 1.64 5.26 -2.85
C LEU A 37 2.08 6.70 -2.77
N GLN A 38 2.24 7.20 -1.55
CA GLN A 38 2.60 8.60 -1.33
C GLN A 38 1.66 9.51 -2.09
N ASP A 39 0.41 9.07 -2.16
CA ASP A 39 -0.70 9.83 -2.76
C ASP A 39 -0.77 9.61 -4.27
N ILE A 40 0.30 9.08 -4.86
CA ILE A 40 0.22 8.62 -6.25
C ILE A 40 -0.72 7.45 -6.28
N GLN A 41 -1.42 7.25 -7.37
CA GLN A 41 -2.35 6.15 -7.44
C GLN A 41 -1.67 4.95 -8.08
N LEU A 42 -1.97 3.78 -7.53
CA LEU A 42 -1.37 2.54 -8.00
C LEU A 42 -2.45 1.69 -8.64
N ASP A 43 -2.07 0.56 -9.20
CA ASP A 43 -3.01 -0.34 -9.82
C ASP A 43 -2.82 -1.72 -9.22
N PRO A 44 -3.61 -1.99 -8.17
CA PRO A 44 -3.68 -3.27 -7.42
C PRO A 44 -3.30 -4.53 -8.20
N ASP A 45 -3.59 -4.51 -9.49
CA ASP A 45 -3.37 -5.66 -10.36
C ASP A 45 -1.88 -5.88 -10.62
N ARG A 46 -1.09 -4.84 -10.39
CA ARG A 46 0.32 -4.85 -10.72
C ARG A 46 1.16 -4.85 -9.44
N SER A 47 2.44 -5.21 -9.55
CA SER A 47 3.32 -5.31 -8.39
C SER A 47 4.11 -4.01 -8.13
N LEU A 48 4.85 -3.96 -7.01
CA LEU A 48 5.85 -2.89 -6.80
C LEU A 48 6.90 -2.92 -7.91
N PHE A 49 7.29 -4.12 -8.30
CA PHE A 49 8.14 -4.30 -9.47
C PHE A 49 7.49 -3.75 -10.74
N ASP A 50 6.19 -3.54 -10.69
CA ASP A 50 5.48 -2.94 -11.81
C ASP A 50 5.13 -1.47 -11.50
N GLN A 51 5.22 -1.12 -10.22
CA GLN A 51 4.82 0.20 -9.75
C GLN A 51 5.77 0.70 -8.66
N GLY A 52 6.81 1.41 -9.06
CA GLY A 52 7.63 2.08 -8.08
C GLY A 52 9.02 1.49 -7.92
N VAL A 53 9.19 0.68 -6.88
CA VAL A 53 10.52 0.24 -6.47
C VAL A 53 10.93 -1.07 -7.14
N LYS A 54 12.22 -1.27 -7.26
CA LYS A 54 12.75 -2.53 -7.70
C LYS A 54 13.77 -3.04 -6.70
N THR A 55 13.29 -3.48 -5.55
CA THR A 55 14.14 -4.03 -4.52
C THR A 55 14.04 -5.56 -4.57
N ASP A 56 13.65 -6.20 -3.49
CA ASP A 56 13.49 -7.65 -3.50
C ASP A 56 12.60 -8.15 -2.38
N GLY A 57 11.55 -8.86 -2.80
CA GLY A 57 10.78 -9.67 -1.87
C GLY A 57 9.64 -8.93 -1.23
N THR A 58 9.66 -8.87 0.09
CA THR A 58 8.60 -8.26 0.86
C THR A 58 9.07 -6.96 1.50
N VAL A 59 8.36 -5.87 1.21
CA VAL A 59 8.65 -4.59 1.86
C VAL A 59 7.60 -4.31 2.91
N GLN A 60 7.92 -3.39 3.80
CA GLN A 60 6.99 -2.98 4.84
C GLN A 60 6.32 -1.69 4.40
N LEU A 61 5.00 -1.75 4.27
CA LEU A 61 4.24 -0.63 3.75
C LEU A 61 3.61 0.17 4.87
N SER A 62 4.00 1.42 5.00
CA SER A 62 3.26 2.34 5.85
C SER A 62 2.14 2.95 5.03
N VAL A 63 1.12 2.13 4.82
CA VAL A 63 -0.03 2.50 4.00
C VAL A 63 -1.17 3.12 4.84
N GLN A 64 -1.67 4.26 4.34
CA GLN A 64 -2.71 5.03 5.00
C GLN A 64 -4.01 4.92 4.23
N VAL A 65 -5.13 5.04 4.93
CA VAL A 65 -6.41 5.15 4.29
C VAL A 65 -6.79 6.63 4.21
N ILE A 66 -6.96 7.13 3.00
CA ILE A 66 -7.25 8.54 2.80
C ILE A 66 -8.65 8.76 2.26
N SER A 67 -9.53 9.30 3.08
CA SER A 67 -10.72 9.93 2.57
C SER A 67 -10.67 11.42 2.93
N TYR A 68 -10.13 12.20 2.01
CA TYR A 68 -9.80 13.60 2.26
C TYR A 68 -10.89 14.52 1.74
N GLN A 69 -11.60 15.20 2.63
CA GLN A 69 -12.60 16.22 2.24
C GLN A 69 -13.45 15.82 1.04
N GLY A 70 -13.95 14.58 1.04
CA GLY A 70 -14.77 14.12 -0.06
C GLY A 70 -13.95 13.74 -1.28
N MET A 71 -12.71 13.33 -1.05
CA MET A 71 -11.85 12.86 -2.13
C MET A 71 -12.10 11.38 -2.35
N GLU A 72 -11.47 10.83 -3.37
CA GLU A 72 -11.59 9.43 -3.69
C GLU A 72 -10.69 8.62 -2.78
N PRO A 73 -11.31 7.84 -1.85
CA PRO A 73 -10.60 7.00 -0.90
C PRO A 73 -9.41 6.26 -1.51
N LYS A 74 -8.24 6.57 -0.98
CA LYS A 74 -6.99 5.95 -1.41
C LYS A 74 -6.30 5.28 -0.24
N LEU A 75 -5.77 4.09 -0.46
CA LEU A 75 -4.85 3.51 0.51
C LEU A 75 -3.43 3.74 0.00
N ASN A 76 -2.75 4.74 0.54
CA ASN A 76 -1.42 5.10 0.04
C ASN A 76 -0.33 4.54 0.91
N ILE A 77 0.62 3.91 0.27
CA ILE A 77 1.83 3.51 0.93
C ILE A 77 2.76 4.69 1.03
N LEU A 78 3.09 5.09 2.23
CA LEU A 78 3.96 6.23 2.41
C LEU A 78 5.40 5.76 2.53
N GLU A 79 5.60 4.46 2.70
CA GLU A 79 6.92 3.97 3.05
C GLU A 79 7.10 2.55 2.56
N ILE A 80 8.23 2.31 1.92
CA ILE A 80 8.57 1.00 1.44
C ILE A 80 9.98 0.64 1.85
N VAL A 81 10.10 -0.32 2.74
CA VAL A 81 11.40 -0.81 3.13
C VAL A 81 11.41 -2.33 3.12
N LYS A 82 12.20 -2.90 2.23
CA LYS A 82 12.28 -4.34 2.09
C LYS A 82 12.63 -5.00 3.42
N THR A 83 11.71 -5.84 3.87
CA THR A 83 11.86 -6.61 5.08
C THR A 83 11.89 -5.74 6.34
N ALA A 84 13.02 -5.12 6.57
CA ALA A 84 13.28 -4.33 7.75
C ALA A 84 14.59 -3.61 7.53
N GLU A 85 15.49 -4.33 6.85
CA GLU A 85 16.71 -3.75 6.31
C GLU A 85 16.35 -2.69 5.27
N THR A 86 16.18 -1.47 5.76
CA THR A 86 15.67 -0.35 4.97
C THR A 86 16.24 -0.27 3.56
N VAL A 87 15.37 -0.51 2.58
CA VAL A 87 15.67 -0.12 1.22
C VAL A 87 15.17 1.31 1.00
N GLU A 88 15.76 2.03 0.06
CA GLU A 88 15.40 3.41 -0.16
C GLU A 88 15.23 3.68 -1.64
N TRP A 89 14.75 4.88 -1.97
CA TRP A 89 14.60 5.30 -3.34
C TRP A 89 15.95 5.73 -3.90
N MET A 1 -6.82 12.68 10.06
CA MET A 1 -7.83 11.68 9.64
C MET A 1 -7.21 10.66 8.68
N ALA A 2 -5.89 10.59 8.68
CA ALA A 2 -5.18 9.68 7.82
C ALA A 2 -4.81 8.42 8.58
N GLU A 3 -5.71 7.45 8.56
CA GLU A 3 -5.55 6.22 9.32
C GLU A 3 -4.41 5.37 8.74
N CYS A 4 -3.37 5.18 9.51
CA CYS A 4 -2.21 4.43 9.06
C CYS A 4 -2.22 3.01 9.60
N VAL A 5 -1.86 2.06 8.75
CA VAL A 5 -1.73 0.67 9.18
C VAL A 5 -0.37 0.12 8.74
N SER A 6 0.22 -0.74 9.56
CA SER A 6 1.52 -1.31 9.24
C SER A 6 1.37 -2.76 8.76
N GLN A 7 1.64 -2.99 7.49
CA GLN A 7 1.56 -4.32 6.91
C GLN A 7 2.59 -4.47 5.80
N ALA A 8 2.91 -5.70 5.47
CA ALA A 8 3.89 -5.99 4.44
C ALA A 8 3.29 -6.89 3.36
N ILE A 9 3.87 -6.83 2.16
CA ILE A 9 3.36 -7.58 1.01
C ILE A 9 4.48 -7.95 0.06
N ASP A 10 4.17 -8.83 -0.88
CA ASP A 10 5.09 -9.15 -1.98
C ASP A 10 5.22 -7.97 -2.92
N ILE A 11 6.44 -7.62 -3.30
CA ILE A 11 6.62 -6.50 -4.22
C ILE A 11 6.62 -6.98 -5.64
N ASN A 12 6.90 -8.25 -5.82
CA ASN A 12 6.91 -8.84 -7.14
C ASN A 12 5.50 -9.29 -7.49
N GLU A 13 4.61 -9.20 -6.50
CA GLU A 13 3.24 -9.63 -6.66
C GLU A 13 2.30 -8.45 -6.34
N PRO A 14 0.99 -8.62 -6.52
CA PRO A 14 0.01 -7.52 -6.49
C PRO A 14 0.14 -6.57 -5.30
N ILE A 15 0.20 -5.27 -5.59
CA ILE A 15 0.20 -4.26 -4.54
C ILE A 15 -1.23 -4.00 -4.09
N GLY A 16 -2.18 -4.35 -4.95
CA GLY A 16 -3.57 -4.17 -4.60
C GLY A 16 -4.03 -5.22 -3.63
N ASN A 17 -3.10 -6.07 -3.24
CA ASN A 17 -3.37 -7.12 -2.27
C ASN A 17 -3.65 -6.52 -0.91
N LEU A 18 -3.37 -5.23 -0.78
CA LEU A 18 -3.58 -4.49 0.47
C LEU A 18 -5.04 -4.51 0.89
N LYS A 19 -5.94 -4.66 -0.08
CA LYS A 19 -7.36 -4.69 0.24
C LYS A 19 -7.71 -6.03 0.86
N LYS A 20 -6.90 -7.03 0.56
CA LYS A 20 -7.09 -8.37 1.09
C LYS A 20 -6.34 -8.55 2.42
N LEU A 21 -5.12 -8.02 2.49
CA LEU A 21 -4.28 -8.18 3.67
C LEU A 21 -4.68 -7.25 4.80
N LEU A 22 -5.18 -6.08 4.46
CA LEU A 22 -5.53 -5.10 5.47
C LEU A 22 -6.97 -5.26 5.95
N GLU A 23 -7.69 -6.22 5.37
CA GLU A 23 -9.01 -6.61 5.86
C GLU A 23 -9.01 -6.82 7.38
N PRO A 24 -8.19 -7.76 7.91
CA PRO A 24 -8.14 -8.04 9.35
C PRO A 24 -7.58 -6.87 10.15
N ARG A 25 -6.71 -6.12 9.51
CA ARG A 25 -5.96 -5.06 10.19
C ARG A 25 -6.81 -3.84 10.47
N LEU A 26 -7.58 -3.43 9.48
CA LEU A 26 -8.36 -2.22 9.60
C LEU A 26 -9.76 -2.53 10.07
N GLN A 27 -10.13 -3.82 10.00
CA GLN A 27 -11.49 -4.28 10.29
C GLN A 27 -12.48 -3.53 9.40
N CYS A 28 -11.95 -3.10 8.26
CA CYS A 28 -12.70 -2.30 7.31
C CYS A 28 -12.85 -3.05 5.99
N SER A 29 -13.89 -2.71 5.25
CA SER A 29 -14.12 -3.31 3.95
C SER A 29 -13.29 -2.59 2.90
N LEU A 30 -12.22 -3.23 2.48
CA LEU A 30 -11.33 -2.62 1.50
C LEU A 30 -11.90 -2.89 0.11
N ASP A 31 -12.53 -1.88 -0.48
CA ASP A 31 -13.24 -2.06 -1.75
C ASP A 31 -13.15 -0.81 -2.61
N ALA A 32 -13.93 0.21 -2.26
CA ALA A 32 -14.00 1.45 -3.05
C ALA A 32 -12.68 2.20 -3.09
N HIS A 33 -11.86 2.00 -2.06
CA HIS A 33 -10.58 2.70 -1.98
C HIS A 33 -9.49 1.94 -2.70
N GLU A 34 -8.93 2.59 -3.70
CA GLU A 34 -7.87 2.03 -4.51
C GLU A 34 -6.53 2.21 -3.80
N ILE A 35 -5.55 1.43 -4.19
CA ILE A 35 -4.25 1.47 -3.54
C ILE A 35 -3.40 2.56 -4.16
N CYS A 36 -2.50 3.13 -3.38
CA CYS A 36 -1.72 4.28 -3.79
C CYS A 36 -0.40 4.32 -3.03
N LEU A 37 0.49 5.23 -3.42
CA LEU A 37 1.77 5.35 -2.79
C LEU A 37 2.18 6.81 -2.69
N GLN A 38 2.16 7.36 -1.48
CA GLN A 38 2.46 8.77 -1.27
C GLN A 38 1.55 9.63 -2.14
N ASP A 39 0.36 9.07 -2.37
CA ASP A 39 -0.72 9.70 -3.14
C ASP A 39 -0.50 9.59 -4.64
N ILE A 40 0.52 8.83 -5.06
CA ILE A 40 0.56 8.32 -6.42
C ILE A 40 -0.43 7.18 -6.48
N GLN A 41 -1.27 7.12 -7.48
CA GLN A 41 -2.27 6.08 -7.53
C GLN A 41 -1.67 4.85 -8.21
N LEU A 42 -1.82 3.70 -7.57
CA LEU A 42 -1.15 2.49 -7.99
C LEU A 42 -2.13 1.55 -8.67
N ASP A 43 -1.64 0.48 -9.26
CA ASP A 43 -2.48 -0.48 -9.94
C ASP A 43 -2.46 -1.79 -9.19
N PRO A 44 -3.55 -2.12 -8.49
CA PRO A 44 -3.71 -3.39 -7.78
C PRO A 44 -3.40 -4.59 -8.67
N ASP A 45 -3.57 -4.40 -9.96
CA ASP A 45 -3.29 -5.44 -10.95
C ASP A 45 -1.80 -5.69 -11.13
N ARG A 46 -1.00 -4.75 -10.66
CA ARG A 46 0.44 -4.79 -10.87
C ARG A 46 1.18 -4.82 -9.53
N SER A 47 2.46 -5.17 -9.56
CA SER A 47 3.27 -5.31 -8.36
C SER A 47 4.14 -4.06 -8.11
N LEU A 48 4.88 -4.03 -6.99
CA LEU A 48 5.86 -2.97 -6.74
C LEU A 48 6.93 -2.97 -7.84
N PHE A 49 7.29 -4.15 -8.32
CA PHE A 49 8.13 -4.27 -9.51
C PHE A 49 7.48 -3.63 -10.73
N ASP A 50 6.20 -3.38 -10.65
CA ASP A 50 5.50 -2.64 -11.70
C ASP A 50 5.24 -1.21 -11.27
N GLN A 51 5.36 -0.96 -9.98
CA GLN A 51 5.04 0.33 -9.39
C GLN A 51 6.00 0.69 -8.27
N GLY A 52 7.05 1.41 -8.57
CA GLY A 52 7.87 1.95 -7.51
C GLY A 52 9.22 1.28 -7.37
N VAL A 53 9.31 0.26 -6.54
CA VAL A 53 10.61 -0.28 -6.14
C VAL A 53 10.96 -1.54 -6.91
N LYS A 54 12.25 -1.71 -7.15
CA LYS A 54 12.75 -2.93 -7.76
C LYS A 54 13.81 -3.50 -6.85
N THR A 55 13.36 -4.10 -5.77
CA THR A 55 14.27 -4.64 -4.79
C THR A 55 14.10 -6.16 -4.68
N ASP A 56 13.53 -6.65 -3.59
CA ASP A 56 13.35 -8.07 -3.42
C ASP A 56 12.45 -8.41 -2.25
N GLY A 57 11.55 -9.35 -2.49
CA GLY A 57 10.78 -9.96 -1.44
C GLY A 57 9.62 -9.13 -0.97
N THR A 58 9.49 -9.03 0.34
CA THR A 58 8.38 -8.35 0.98
C THR A 58 8.85 -7.05 1.65
N VAL A 59 8.24 -5.94 1.28
CA VAL A 59 8.54 -4.66 1.93
C VAL A 59 7.49 -4.35 2.98
N GLN A 60 7.81 -3.43 3.87
CA GLN A 60 6.89 -3.04 4.91
C GLN A 60 6.23 -1.72 4.50
N LEU A 61 4.91 -1.76 4.36
CA LEU A 61 4.16 -0.61 3.85
C LEU A 61 3.50 0.16 4.98
N SER A 62 3.90 1.41 5.16
CA SER A 62 3.14 2.31 6.01
C SER A 62 2.05 2.96 5.17
N VAL A 63 1.04 2.17 4.88
CA VAL A 63 -0.08 2.57 4.03
C VAL A 63 -1.22 3.20 4.84
N GLN A 64 -1.65 4.36 4.38
CA GLN A 64 -2.73 5.13 5.00
C GLN A 64 -4.04 4.89 4.28
N VAL A 65 -5.14 4.97 5.01
CA VAL A 65 -6.43 5.02 4.39
C VAL A 65 -6.85 6.49 4.23
N ILE A 66 -7.01 6.89 2.98
CA ILE A 66 -7.31 8.27 2.67
C ILE A 66 -8.71 8.46 2.12
N SER A 67 -9.58 9.04 2.93
CA SER A 67 -10.72 9.74 2.40
C SER A 67 -10.73 11.13 3.03
N TYR A 68 -10.06 12.06 2.35
CA TYR A 68 -9.79 13.38 2.92
C TYR A 68 -10.96 14.33 2.76
N GLN A 69 -11.94 14.21 3.65
CA GLN A 69 -13.04 15.15 3.68
C GLN A 69 -13.82 15.09 2.37
N GLY A 70 -14.55 13.99 2.18
CA GLY A 70 -15.30 13.80 0.94
C GLY A 70 -14.39 13.65 -0.26
N MET A 71 -13.20 13.11 -0.04
CA MET A 71 -12.23 12.96 -1.11
C MET A 71 -12.26 11.53 -1.63
N GLU A 72 -11.51 11.28 -2.70
CA GLU A 72 -11.54 10.00 -3.38
C GLU A 72 -10.70 8.99 -2.61
N PRO A 73 -11.38 8.01 -1.99
CA PRO A 73 -10.74 6.99 -1.13
C PRO A 73 -9.57 6.27 -1.79
N LYS A 74 -8.41 6.42 -1.15
CA LYS A 74 -7.18 5.73 -1.55
C LYS A 74 -6.50 5.12 -0.34
N LEU A 75 -5.86 3.98 -0.53
CA LEU A 75 -4.94 3.48 0.48
C LEU A 75 -3.51 3.72 -0.01
N ASN A 76 -2.85 4.75 0.49
CA ASN A 76 -1.50 5.07 0.01
C ASN A 76 -0.43 4.58 0.93
N ILE A 77 0.51 3.88 0.36
CA ILE A 77 1.72 3.53 1.06
C ILE A 77 2.61 4.75 1.14
N LEU A 78 2.98 5.14 2.33
CA LEU A 78 3.85 6.28 2.49
C LEU A 78 5.29 5.83 2.62
N GLU A 79 5.50 4.53 2.82
CA GLU A 79 6.80 4.05 3.22
C GLU A 79 7.01 2.63 2.75
N ILE A 80 8.10 2.43 2.03
CA ILE A 80 8.47 1.11 1.57
C ILE A 80 9.88 0.78 2.00
N VAL A 81 10.02 -0.28 2.77
CA VAL A 81 11.33 -0.80 3.13
C VAL A 81 11.32 -2.31 3.04
N LYS A 82 12.11 -2.86 2.11
CA LYS A 82 12.16 -4.30 1.94
C LYS A 82 12.64 -4.96 3.22
N THR A 83 11.74 -5.73 3.81
CA THR A 83 12.01 -6.45 5.05
C THR A 83 12.14 -5.50 6.25
N ALA A 84 13.21 -4.73 6.24
CA ALA A 84 13.58 -3.85 7.33
C ALA A 84 14.84 -3.12 6.92
N GLU A 85 15.63 -3.83 6.12
CA GLU A 85 16.75 -3.25 5.42
C GLU A 85 16.25 -2.25 4.39
N THR A 86 16.31 -0.97 4.76
CA THR A 86 15.78 0.13 3.97
C THR A 86 16.09 0.01 2.47
N VAL A 87 15.08 -0.36 1.70
CA VAL A 87 15.15 -0.31 0.25
C VAL A 87 15.24 1.15 -0.22
N GLU A 88 15.74 1.36 -1.44
CA GLU A 88 15.88 2.71 -1.98
C GLU A 88 15.20 2.82 -3.34
N TRP A 89 13.98 2.28 -3.42
CA TRP A 89 13.18 2.28 -4.66
C TRP A 89 13.91 1.59 -5.81
N MET A 1 -7.49 10.99 11.23
CA MET A 1 -7.79 11.54 9.88
C MET A 1 -7.20 10.62 8.82
N ALA A 2 -5.88 10.45 8.87
CA ALA A 2 -5.20 9.54 7.97
C ALA A 2 -4.83 8.27 8.72
N GLU A 3 -5.64 7.23 8.56
CA GLU A 3 -5.42 5.97 9.24
C GLU A 3 -4.28 5.20 8.58
N CYS A 4 -3.15 5.12 9.26
CA CYS A 4 -2.00 4.42 8.73
C CYS A 4 -1.85 3.05 9.38
N VAL A 5 -1.79 2.02 8.56
CA VAL A 5 -1.65 0.66 9.06
C VAL A 5 -0.31 0.09 8.63
N SER A 6 0.31 -0.69 9.51
CA SER A 6 1.60 -1.26 9.23
C SER A 6 1.45 -2.70 8.77
N GLN A 7 1.69 -2.92 7.48
CA GLN A 7 1.58 -4.24 6.89
C GLN A 7 2.58 -4.39 5.77
N ALA A 8 2.95 -5.63 5.49
CA ALA A 8 3.92 -5.92 4.47
C ALA A 8 3.33 -6.87 3.43
N ILE A 9 3.87 -6.86 2.21
CA ILE A 9 3.31 -7.66 1.12
C ILE A 9 4.41 -8.04 0.12
N ASP A 10 4.06 -8.91 -0.80
CA ASP A 10 4.95 -9.28 -1.90
C ASP A 10 5.09 -8.10 -2.87
N ILE A 11 6.31 -7.71 -3.21
CA ILE A 11 6.50 -6.57 -4.11
C ILE A 11 6.67 -7.03 -5.53
N ASN A 12 6.95 -8.31 -5.70
CA ASN A 12 7.04 -8.90 -7.01
C ASN A 12 5.64 -9.34 -7.44
N GLU A 13 4.73 -9.24 -6.47
CA GLU A 13 3.36 -9.67 -6.63
C GLU A 13 2.42 -8.47 -6.44
N PRO A 14 1.10 -8.63 -6.69
CA PRO A 14 0.14 -7.52 -6.74
C PRO A 14 0.17 -6.61 -5.51
N ILE A 15 0.23 -5.30 -5.73
CA ILE A 15 0.20 -4.36 -4.63
C ILE A 15 -1.23 -4.14 -4.15
N GLY A 16 -2.18 -4.57 -4.98
CA GLY A 16 -3.57 -4.36 -4.67
C GLY A 16 -4.08 -5.35 -3.65
N ASN A 17 -3.20 -6.23 -3.17
CA ASN A 17 -3.59 -7.21 -2.18
C ASN A 17 -3.79 -6.55 -0.82
N LEU A 18 -3.53 -5.24 -0.76
CA LEU A 18 -3.75 -4.46 0.45
C LEU A 18 -5.23 -4.47 0.84
N LYS A 19 -6.09 -4.72 -0.13
CA LYS A 19 -7.52 -4.84 0.15
C LYS A 19 -7.79 -6.17 0.85
N LYS A 20 -6.93 -7.14 0.61
CA LYS A 20 -7.07 -8.47 1.22
C LYS A 20 -6.33 -8.55 2.54
N LEU A 21 -5.11 -8.01 2.58
CA LEU A 21 -4.25 -8.15 3.75
C LEU A 21 -4.65 -7.19 4.87
N LEU A 22 -5.20 -6.05 4.51
CA LEU A 22 -5.60 -5.06 5.51
C LEU A 22 -7.06 -5.24 5.91
N GLU A 23 -7.71 -6.21 5.28
CA GLU A 23 -9.06 -6.63 5.66
C GLU A 23 -9.15 -6.89 7.18
N PRO A 24 -8.29 -7.79 7.74
CA PRO A 24 -8.28 -8.06 9.18
C PRO A 24 -7.74 -6.88 9.98
N ARG A 25 -6.66 -6.29 9.46
CA ARG A 25 -5.92 -5.24 10.17
C ARG A 25 -6.79 -4.04 10.48
N LEU A 26 -7.57 -3.60 9.51
CA LEU A 26 -8.36 -2.38 9.67
C LEU A 26 -9.80 -2.70 10.01
N GLN A 27 -10.18 -3.96 9.83
CA GLN A 27 -11.58 -4.38 9.90
C GLN A 27 -12.40 -3.58 8.92
N CYS A 28 -11.71 -3.10 7.89
CA CYS A 28 -12.29 -2.20 6.92
C CYS A 28 -12.94 -2.99 5.82
N SER A 29 -13.90 -2.38 5.17
CA SER A 29 -14.42 -2.89 3.95
C SER A 29 -13.63 -2.30 2.79
N LEU A 30 -12.64 -3.04 2.33
CA LEU A 30 -11.71 -2.55 1.32
C LEU A 30 -12.39 -2.60 -0.06
N ASP A 31 -13.05 -1.51 -0.42
CA ASP A 31 -13.82 -1.48 -1.65
C ASP A 31 -13.50 -0.25 -2.48
N ALA A 32 -14.07 0.89 -2.08
CA ALA A 32 -13.95 2.12 -2.86
C ALA A 32 -12.54 2.68 -2.85
N HIS A 33 -11.80 2.44 -1.78
CA HIS A 33 -10.45 2.95 -1.67
C HIS A 33 -9.46 2.18 -2.52
N GLU A 34 -8.97 2.87 -3.54
CA GLU A 34 -7.99 2.34 -4.46
C GLU A 34 -6.63 2.27 -3.76
N ILE A 35 -5.69 1.53 -4.33
CA ILE A 35 -4.40 1.36 -3.69
C ILE A 35 -3.43 2.39 -4.25
N CYS A 36 -2.57 2.94 -3.41
CA CYS A 36 -1.80 4.11 -3.77
C CYS A 36 -0.49 4.14 -3.01
N LEU A 37 0.37 5.06 -3.40
CA LEU A 37 1.65 5.22 -2.76
C LEU A 37 1.97 6.70 -2.65
N GLN A 38 2.00 7.20 -1.42
CA GLN A 38 2.28 8.61 -1.17
C GLN A 38 1.35 9.50 -1.98
N ASP A 39 0.10 9.02 -2.10
CA ASP A 39 -1.00 9.77 -2.72
C ASP A 39 -1.03 9.54 -4.24
N ILE A 40 0.09 9.07 -4.80
CA ILE A 40 0.10 8.59 -6.18
C ILE A 40 -0.71 7.31 -6.20
N GLN A 41 -1.34 7.01 -7.30
CA GLN A 41 -2.19 5.84 -7.36
C GLN A 41 -1.46 4.69 -8.05
N LEU A 42 -1.74 3.48 -7.58
CA LEU A 42 -1.05 2.28 -8.04
C LEU A 42 -2.04 1.34 -8.71
N ASP A 43 -1.55 0.25 -9.28
CA ASP A 43 -2.40 -0.67 -10.00
C ASP A 43 -2.35 -2.02 -9.31
N PRO A 44 -3.43 -2.36 -8.59
CA PRO A 44 -3.61 -3.64 -7.87
C PRO A 44 -3.23 -4.87 -8.69
N ASP A 45 -3.32 -4.73 -10.01
CA ASP A 45 -3.01 -5.81 -10.93
C ASP A 45 -1.50 -6.00 -11.06
N ARG A 46 -0.74 -5.01 -10.63
CA ARG A 46 0.69 -4.99 -10.81
C ARG A 46 1.40 -4.91 -9.46
N SER A 47 2.68 -5.23 -9.45
CA SER A 47 3.46 -5.27 -8.22
C SER A 47 4.28 -4.00 -7.98
N LEU A 48 4.99 -3.93 -6.85
CA LEU A 48 5.99 -2.87 -6.63
C LEU A 48 7.07 -2.94 -7.70
N PHE A 49 7.42 -4.16 -8.12
CA PHE A 49 8.29 -4.35 -9.27
C PHE A 49 7.68 -3.82 -10.55
N ASP A 50 6.38 -3.61 -10.53
CA ASP A 50 5.69 -2.96 -11.64
C ASP A 50 5.42 -1.50 -11.33
N GLN A 51 5.52 -1.13 -10.05
CA GLN A 51 5.18 0.21 -9.59
C GLN A 51 6.13 0.69 -8.50
N GLY A 52 7.17 1.40 -8.88
CA GLY A 52 7.98 2.08 -7.88
C GLY A 52 9.33 1.44 -7.66
N VAL A 53 9.40 0.45 -6.77
CA VAL A 53 10.69 -0.06 -6.32
C VAL A 53 10.99 -1.43 -6.88
N LYS A 54 12.25 -1.63 -7.23
CA LYS A 54 12.71 -2.94 -7.63
C LYS A 54 13.75 -3.40 -6.62
N THR A 55 13.30 -3.77 -5.45
CA THR A 55 14.21 -4.22 -4.42
C THR A 55 14.15 -5.74 -4.26
N ASP A 56 13.32 -6.24 -3.35
CA ASP A 56 13.15 -7.69 -3.22
C ASP A 56 12.09 -8.08 -2.21
N GLY A 57 11.23 -8.98 -2.66
CA GLY A 57 10.41 -9.75 -1.75
C GLY A 57 9.33 -8.96 -1.07
N THR A 58 9.40 -8.90 0.25
CA THR A 58 8.40 -8.24 1.05
C THR A 58 8.94 -6.95 1.64
N VAL A 59 8.34 -5.84 1.27
CA VAL A 59 8.63 -4.56 1.90
C VAL A 59 7.57 -4.26 2.94
N GLN A 60 7.87 -3.35 3.84
CA GLN A 60 6.93 -2.95 4.84
C GLN A 60 6.26 -1.67 4.37
N LEU A 61 4.94 -1.68 4.35
CA LEU A 61 4.18 -0.56 3.82
C LEU A 61 3.53 0.23 4.94
N SER A 62 3.89 1.49 5.05
CA SER A 62 3.15 2.39 5.90
C SER A 62 2.01 2.99 5.08
N VAL A 63 1.02 2.17 4.84
CA VAL A 63 -0.10 2.54 3.98
C VAL A 63 -1.26 3.15 4.78
N GLN A 64 -1.71 4.30 4.31
CA GLN A 64 -2.77 5.07 4.93
C GLN A 64 -4.06 4.94 4.16
N VAL A 65 -5.18 5.04 4.86
CA VAL A 65 -6.45 5.17 4.21
C VAL A 65 -6.81 6.66 4.11
N ILE A 66 -6.92 7.14 2.89
CA ILE A 66 -7.16 8.54 2.65
C ILE A 66 -8.58 8.82 2.19
N SER A 67 -9.41 9.28 3.09
CA SER A 67 -10.58 10.03 2.69
C SER A 67 -10.58 11.33 3.49
N TYR A 68 -9.96 12.37 2.91
CA TYR A 68 -9.68 13.59 3.65
C TYR A 68 -10.89 14.54 3.66
N GLN A 69 -10.85 15.56 2.82
CA GLN A 69 -11.91 16.57 2.81
C GLN A 69 -12.87 16.28 1.66
N GLY A 70 -13.50 15.11 1.67
CA GLY A 70 -14.35 14.73 0.56
C GLY A 70 -13.52 14.26 -0.61
N MET A 71 -12.44 13.56 -0.30
CA MET A 71 -11.50 13.10 -1.31
C MET A 71 -11.86 11.71 -1.78
N GLU A 72 -11.16 11.25 -2.80
CA GLU A 72 -11.31 9.89 -3.28
C GLU A 72 -10.50 8.95 -2.39
N PRO A 73 -11.19 8.08 -1.65
CA PRO A 73 -10.58 7.08 -0.78
C PRO A 73 -9.42 6.34 -1.46
N LYS A 74 -8.24 6.54 -0.92
CA LYS A 74 -7.04 5.87 -1.40
C LYS A 74 -6.27 5.24 -0.26
N LEU A 75 -5.74 4.05 -0.46
CA LEU A 75 -4.81 3.47 0.49
C LEU A 75 -3.40 3.70 -0.01
N ASN A 76 -2.72 4.71 0.52
CA ASN A 76 -1.38 5.04 0.03
C ASN A 76 -0.29 4.54 0.94
N ILE A 77 0.66 3.85 0.35
CA ILE A 77 1.88 3.52 1.04
C ILE A 77 2.74 4.76 1.16
N LEU A 78 3.02 5.17 2.38
CA LEU A 78 3.84 6.33 2.58
C LEU A 78 5.30 5.95 2.71
N GLU A 79 5.58 4.65 2.82
CA GLU A 79 6.95 4.23 3.08
C GLU A 79 7.13 2.77 2.72
N ILE A 80 8.21 2.50 2.00
CA ILE A 80 8.56 1.16 1.61
C ILE A 80 9.92 0.81 2.18
N VAL A 81 9.99 -0.26 2.93
CA VAL A 81 11.26 -0.77 3.40
C VAL A 81 11.30 -2.28 3.27
N LYS A 82 12.12 -2.79 2.37
CA LYS A 82 12.19 -4.23 2.16
C LYS A 82 12.64 -4.93 3.43
N THR A 83 11.67 -5.60 4.05
CA THR A 83 11.88 -6.35 5.27
C THR A 83 12.21 -5.45 6.47
N ALA A 84 13.43 -4.99 6.53
CA ALA A 84 13.92 -4.20 7.66
C ALA A 84 15.10 -3.37 7.20
N GLU A 85 15.86 -3.95 6.28
CA GLU A 85 16.89 -3.21 5.57
C GLU A 85 16.24 -2.24 4.60
N THR A 86 15.88 -1.08 5.14
CA THR A 86 15.18 -0.02 4.41
C THR A 86 15.73 0.17 3.00
N VAL A 87 14.87 -0.09 2.01
CA VAL A 87 15.20 0.19 0.62
C VAL A 87 15.26 1.71 0.41
N GLU A 88 16.21 2.15 -0.40
CA GLU A 88 16.46 3.57 -0.58
C GLU A 88 16.04 4.02 -1.97
N TRP A 89 15.28 5.09 -2.03
CA TRP A 89 14.96 5.73 -3.30
C TRP A 89 16.17 6.51 -3.81
N MET A 1 -6.20 12.99 10.61
CA MET A 1 -5.80 11.60 10.88
C MET A 1 -6.10 10.70 9.70
N ALA A 2 -5.08 10.40 8.91
CA ALA A 2 -5.21 9.40 7.88
C ALA A 2 -4.96 8.05 8.53
N GLU A 3 -5.83 7.10 8.24
CA GLU A 3 -5.80 5.81 8.92
C GLU A 3 -4.66 4.94 8.42
N CYS A 4 -3.50 5.10 9.04
CA CYS A 4 -2.32 4.34 8.67
C CYS A 4 -2.32 2.96 9.31
N VAL A 5 -1.76 1.99 8.61
CA VAL A 5 -1.65 0.63 9.11
C VAL A 5 -0.32 0.02 8.66
N SER A 6 0.24 -0.87 9.47
CA SER A 6 1.53 -1.46 9.17
C SER A 6 1.37 -2.90 8.70
N GLN A 7 1.68 -3.14 7.43
CA GLN A 7 1.61 -4.48 6.84
C GLN A 7 2.63 -4.61 5.73
N ALA A 8 3.00 -5.84 5.40
CA ALA A 8 4.00 -6.10 4.38
C ALA A 8 3.46 -7.05 3.32
N ILE A 9 4.02 -6.98 2.11
CA ILE A 9 3.51 -7.76 0.97
C ILE A 9 4.62 -8.03 -0.05
N ASP A 10 4.29 -8.85 -1.04
CA ASP A 10 5.19 -9.12 -2.16
C ASP A 10 5.32 -7.90 -3.05
N ILE A 11 6.54 -7.51 -3.43
CA ILE A 11 6.70 -6.34 -4.28
C ILE A 11 6.78 -6.77 -5.73
N ASN A 12 7.07 -8.04 -5.94
CA ASN A 12 7.12 -8.58 -7.29
C ASN A 12 5.71 -9.03 -7.67
N GLU A 13 4.82 -8.99 -6.68
CA GLU A 13 3.46 -9.44 -6.83
C GLU A 13 2.48 -8.30 -6.53
N PRO A 14 1.19 -8.50 -6.81
CA PRO A 14 0.16 -7.43 -6.79
C PRO A 14 0.18 -6.57 -5.52
N ILE A 15 0.19 -5.25 -5.70
CA ILE A 15 0.15 -4.34 -4.56
C ILE A 15 -1.29 -4.17 -4.08
N GLY A 16 -2.23 -4.63 -4.89
CA GLY A 16 -3.62 -4.49 -4.55
C GLY A 16 -4.05 -5.45 -3.50
N ASN A 17 -3.16 -6.33 -3.08
CA ASN A 17 -3.47 -7.32 -2.08
C ASN A 17 -3.64 -6.64 -0.72
N LEU A 18 -3.35 -5.34 -0.68
CA LEU A 18 -3.55 -4.54 0.52
C LEU A 18 -5.03 -4.53 0.92
N LYS A 19 -5.90 -4.75 -0.05
CA LYS A 19 -7.33 -4.82 0.22
C LYS A 19 -7.63 -6.13 0.95
N LYS A 20 -6.78 -7.12 0.75
CA LYS A 20 -6.94 -8.42 1.37
C LYS A 20 -6.24 -8.47 2.72
N LEU A 21 -5.00 -8.03 2.74
CA LEU A 21 -4.15 -8.17 3.91
C LEU A 21 -4.51 -7.16 5.00
N LEU A 22 -5.07 -6.02 4.60
CA LEU A 22 -5.42 -5.00 5.57
C LEU A 22 -6.89 -5.10 5.99
N GLU A 23 -7.62 -6.03 5.37
CA GLU A 23 -9.00 -6.31 5.77
C GLU A 23 -9.09 -6.65 7.26
N PRO A 24 -8.27 -7.61 7.77
CA PRO A 24 -8.23 -7.94 9.20
C PRO A 24 -7.64 -6.82 10.05
N ARG A 25 -6.91 -5.92 9.41
CA ARG A 25 -6.16 -4.90 10.11
C ARG A 25 -6.98 -3.65 10.37
N LEU A 26 -7.70 -3.21 9.36
CA LEU A 26 -8.47 -1.99 9.47
C LEU A 26 -9.91 -2.29 9.84
N GLN A 27 -10.29 -3.56 9.67
CA GLN A 27 -11.68 -3.99 9.87
C GLN A 27 -12.60 -3.23 8.93
N CYS A 28 -11.99 -2.75 7.85
CA CYS A 28 -12.69 -1.94 6.86
C CYS A 28 -13.00 -2.76 5.63
N SER A 29 -14.07 -2.39 4.93
CA SER A 29 -14.39 -3.02 3.66
C SER A 29 -13.54 -2.41 2.56
N LEU A 30 -12.44 -3.08 2.25
CA LEU A 30 -11.52 -2.58 1.24
C LEU A 30 -12.13 -2.81 -0.13
N ASP A 31 -12.68 -1.75 -0.72
CA ASP A 31 -13.43 -1.87 -1.96
C ASP A 31 -13.32 -0.61 -2.81
N ALA A 32 -14.01 0.45 -2.39
CA ALA A 32 -14.03 1.71 -3.14
C ALA A 32 -12.67 2.41 -3.17
N HIS A 33 -11.89 2.21 -2.11
CA HIS A 33 -10.58 2.83 -2.04
C HIS A 33 -9.52 2.09 -2.82
N GLU A 34 -8.95 2.82 -3.77
CA GLU A 34 -7.89 2.32 -4.62
C GLU A 34 -6.57 2.30 -3.85
N ILE A 35 -5.67 1.42 -4.24
CA ILE A 35 -4.39 1.34 -3.56
C ILE A 35 -3.46 2.39 -4.14
N CYS A 36 -2.60 2.96 -3.31
CA CYS A 36 -1.85 4.12 -3.69
C CYS A 36 -0.55 4.17 -2.93
N LEU A 37 0.32 5.08 -3.31
CA LEU A 37 1.60 5.21 -2.68
C LEU A 37 1.99 6.68 -2.61
N GLN A 38 2.07 7.19 -1.40
CA GLN A 38 2.41 8.60 -1.18
C GLN A 38 1.48 9.49 -1.99
N ASP A 39 0.22 9.03 -2.07
CA ASP A 39 -0.90 9.77 -2.68
C ASP A 39 -0.97 9.51 -4.20
N ILE A 40 0.11 8.99 -4.77
CA ILE A 40 0.07 8.50 -6.15
C ILE A 40 -0.78 7.26 -6.20
N GLN A 41 -1.55 7.08 -7.25
CA GLN A 41 -2.38 5.89 -7.36
C GLN A 41 -1.61 4.75 -8.01
N LEU A 42 -1.87 3.54 -7.53
CA LEU A 42 -1.19 2.35 -7.99
C LEU A 42 -2.21 1.43 -8.66
N ASP A 43 -1.77 0.31 -9.22
CA ASP A 43 -2.70 -0.61 -9.83
C ASP A 43 -2.63 -1.93 -9.09
N PRO A 44 -3.70 -2.25 -8.36
CA PRO A 44 -3.84 -3.48 -7.57
C PRO A 44 -3.40 -4.74 -8.31
N ASP A 45 -3.54 -4.71 -9.63
CA ASP A 45 -3.22 -5.86 -10.47
C ASP A 45 -1.73 -5.98 -10.71
N ARG A 46 -0.99 -4.95 -10.34
CA ARG A 46 0.43 -4.85 -10.66
C ARG A 46 1.24 -4.71 -9.38
N SER A 47 2.52 -5.03 -9.43
CA SER A 47 3.36 -5.07 -8.24
C SER A 47 4.15 -3.77 -8.01
N LEU A 48 4.90 -3.71 -6.90
CA LEU A 48 5.89 -2.64 -6.70
C LEU A 48 6.91 -2.66 -7.84
N PHE A 49 7.28 -3.85 -8.29
CA PHE A 49 8.11 -3.98 -9.48
C PHE A 49 7.40 -3.49 -10.74
N ASP A 50 6.10 -3.34 -10.65
CA ASP A 50 5.32 -2.71 -11.71
C ASP A 50 5.10 -1.23 -11.40
N GLN A 51 5.22 -0.87 -10.12
CA GLN A 51 4.89 0.47 -9.65
C GLN A 51 5.85 0.96 -8.58
N GLY A 52 6.83 1.76 -8.96
CA GLY A 52 7.62 2.46 -7.97
C GLY A 52 9.00 1.89 -7.76
N VAL A 53 9.11 0.83 -6.96
CA VAL A 53 10.41 0.35 -6.52
C VAL A 53 10.78 -0.96 -7.20
N LYS A 54 12.04 -1.06 -7.59
CA LYS A 54 12.56 -2.32 -8.10
C LYS A 54 13.67 -2.77 -7.17
N THR A 55 13.28 -3.25 -6.00
CA THR A 55 14.24 -3.68 -5.01
C THR A 55 14.26 -5.20 -4.89
N ASP A 56 13.55 -5.76 -3.91
CA ASP A 56 13.51 -7.21 -3.77
C ASP A 56 12.60 -7.67 -2.63
N GLY A 57 11.71 -8.59 -2.98
CA GLY A 57 11.04 -9.41 -1.98
C GLY A 57 9.83 -8.75 -1.35
N THR A 58 9.80 -8.75 -0.03
CA THR A 58 8.70 -8.21 0.73
C THR A 58 9.11 -6.92 1.44
N VAL A 59 8.40 -5.84 1.17
CA VAL A 59 8.64 -4.59 1.88
C VAL A 59 7.54 -4.38 2.91
N GLN A 60 7.81 -3.50 3.86
CA GLN A 60 6.83 -3.16 4.87
C GLN A 60 6.19 -1.83 4.48
N LEU A 61 4.88 -1.86 4.32
CA LEU A 61 4.14 -0.70 3.83
C LEU A 61 3.48 0.05 4.97
N SER A 62 3.88 1.29 5.17
CA SER A 62 3.12 2.18 6.03
C SER A 62 2.04 2.84 5.19
N VAL A 63 1.04 2.04 4.87
CA VAL A 63 -0.07 2.46 4.03
C VAL A 63 -1.20 3.11 4.84
N GLN A 64 -1.66 4.27 4.36
CA GLN A 64 -2.67 5.07 5.02
C GLN A 64 -3.97 5.05 4.23
N VAL A 65 -5.08 5.21 4.93
CA VAL A 65 -6.37 5.39 4.28
C VAL A 65 -6.66 6.87 4.12
N ILE A 66 -6.74 7.32 2.89
CA ILE A 66 -7.03 8.71 2.59
C ILE A 66 -8.43 8.88 2.01
N SER A 67 -9.28 9.57 2.70
CA SER A 67 -10.44 10.16 2.06
C SER A 67 -10.58 11.60 2.52
N TYR A 68 -9.97 12.50 1.76
CA TYR A 68 -9.97 13.92 2.08
C TYR A 68 -11.30 14.57 1.71
N GLN A 69 -11.35 15.89 1.82
CA GLN A 69 -12.52 16.68 1.47
C GLN A 69 -12.99 16.38 0.05
N GLY A 70 -14.06 15.58 -0.05
CA GLY A 70 -14.61 15.22 -1.34
C GLY A 70 -13.56 14.63 -2.26
N MET A 71 -12.67 13.83 -1.68
CA MET A 71 -11.54 13.32 -2.42
C MET A 71 -11.70 11.84 -2.70
N GLU A 72 -10.77 11.32 -3.49
CA GLU A 72 -10.76 9.92 -3.86
C GLU A 72 -10.23 9.06 -2.71
N PRO A 73 -11.07 8.16 -2.18
CA PRO A 73 -10.65 7.18 -1.19
C PRO A 73 -9.46 6.37 -1.68
N LYS A 74 -8.32 6.60 -1.06
CA LYS A 74 -7.08 5.94 -1.44
C LYS A 74 -6.40 5.29 -0.26
N LEU A 75 -5.75 4.16 -0.50
CA LEU A 75 -4.87 3.59 0.50
C LEU A 75 -3.44 3.81 0.07
N ASN A 76 -2.76 4.80 0.64
CA ASN A 76 -1.42 5.16 0.17
C ASN A 76 -0.33 4.61 1.05
N ILE A 77 0.60 3.92 0.44
CA ILE A 77 1.81 3.55 1.13
C ILE A 77 2.72 4.76 1.21
N LEU A 78 3.03 5.17 2.42
CA LEU A 78 3.90 6.31 2.60
C LEU A 78 5.33 5.84 2.79
N GLU A 79 5.50 4.53 2.93
CA GLU A 79 6.77 4.01 3.37
C GLU A 79 6.96 2.60 2.87
N ILE A 80 7.98 2.44 2.04
CA ILE A 80 8.35 1.13 1.55
C ILE A 80 9.71 0.76 2.08
N VAL A 81 9.78 -0.30 2.85
CA VAL A 81 11.06 -0.77 3.35
C VAL A 81 11.17 -2.29 3.20
N LYS A 82 12.01 -2.71 2.26
CA LYS A 82 12.18 -4.12 2.00
C LYS A 82 12.81 -4.78 3.21
N THR A 83 12.12 -5.80 3.66
CA THR A 83 12.46 -6.54 4.85
C THR A 83 12.32 -5.66 6.11
N ALA A 84 13.27 -4.76 6.30
CA ALA A 84 13.24 -3.85 7.43
C ALA A 84 13.83 -2.50 7.03
N GLU A 85 15.15 -2.41 7.00
CA GLU A 85 15.81 -1.17 6.60
C GLU A 85 17.01 -1.46 5.69
N THR A 86 16.76 -1.52 4.39
CA THR A 86 17.85 -1.69 3.43
C THR A 86 17.46 -1.19 2.04
N VAL A 87 16.16 -1.14 1.76
CA VAL A 87 15.68 -0.56 0.52
C VAL A 87 15.97 0.95 0.45
N GLU A 88 16.36 1.41 -0.72
CA GLU A 88 16.67 2.83 -0.94
C GLU A 88 16.08 3.26 -2.27
N TRP A 89 14.89 2.74 -2.58
CA TRP A 89 14.26 2.88 -3.89
C TRP A 89 15.16 2.33 -4.99
N MET A 1 -8.19 10.25 11.01
CA MET A 1 -8.71 10.54 9.66
C MET A 1 -7.85 9.86 8.62
N ALA A 2 -6.55 10.12 8.65
CA ALA A 2 -5.60 9.42 7.81
C ALA A 2 -5.12 8.16 8.51
N GLU A 3 -6.03 7.23 8.72
CA GLU A 3 -5.75 5.98 9.43
C GLU A 3 -4.57 5.26 8.80
N CYS A 4 -3.58 4.95 9.62
CA CYS A 4 -2.36 4.32 9.16
C CYS A 4 -2.29 2.86 9.62
N VAL A 5 -1.85 1.98 8.75
CA VAL A 5 -1.66 0.59 9.11
C VAL A 5 -0.31 0.10 8.61
N SER A 6 0.36 -0.72 9.42
CA SER A 6 1.67 -1.24 9.06
C SER A 6 1.58 -2.71 8.70
N GLN A 7 1.84 -3.01 7.44
CA GLN A 7 1.74 -4.37 6.93
C GLN A 7 2.72 -4.56 5.78
N ALA A 8 3.09 -5.79 5.51
CA ALA A 8 4.07 -6.07 4.48
C ALA A 8 3.49 -6.99 3.41
N ILE A 9 4.06 -6.91 2.20
CA ILE A 9 3.54 -7.67 1.05
C ILE A 9 4.66 -7.92 0.04
N ASP A 10 4.36 -8.73 -0.96
CA ASP A 10 5.26 -9.00 -2.07
C ASP A 10 5.43 -7.76 -2.94
N ILE A 11 6.65 -7.43 -3.34
CA ILE A 11 6.84 -6.30 -4.26
C ILE A 11 6.90 -6.84 -5.67
N ASN A 12 7.28 -8.10 -5.77
CA ASN A 12 7.43 -8.77 -7.04
C ASN A 12 6.04 -9.16 -7.54
N GLU A 13 5.09 -9.12 -6.61
CA GLU A 13 3.72 -9.53 -6.86
C GLU A 13 2.77 -8.37 -6.55
N PRO A 14 1.46 -8.52 -6.82
CA PRO A 14 0.49 -7.41 -6.82
C PRO A 14 0.53 -6.54 -5.56
N ILE A 15 0.46 -5.22 -5.76
CA ILE A 15 0.42 -4.29 -4.64
C ILE A 15 -1.01 -4.14 -4.12
N GLY A 16 -1.97 -4.55 -4.94
CA GLY A 16 -3.36 -4.34 -4.60
C GLY A 16 -3.88 -5.41 -3.66
N ASN A 17 -3.00 -6.28 -3.19
CA ASN A 17 -3.40 -7.32 -2.27
C ASN A 17 -3.67 -6.72 -0.88
N LEU A 18 -3.43 -5.41 -0.76
CA LEU A 18 -3.69 -4.67 0.46
C LEU A 18 -5.18 -4.71 0.83
N LYS A 19 -6.03 -4.88 -0.17
CA LYS A 19 -7.46 -4.95 0.07
C LYS A 19 -7.80 -6.24 0.82
N LYS A 20 -6.95 -7.24 0.64
CA LYS A 20 -7.12 -8.52 1.32
C LYS A 20 -6.41 -8.52 2.67
N LEU A 21 -5.13 -8.16 2.66
CA LEU A 21 -4.28 -8.28 3.83
C LEU A 21 -4.66 -7.28 4.92
N LEU A 22 -5.17 -6.13 4.51
CA LEU A 22 -5.46 -5.07 5.45
C LEU A 22 -6.93 -5.06 5.88
N GLU A 23 -7.72 -5.96 5.31
CA GLU A 23 -9.11 -6.12 5.75
C GLU A 23 -9.18 -6.39 7.26
N PRO A 24 -8.47 -7.42 7.77
CA PRO A 24 -8.48 -7.75 9.21
C PRO A 24 -7.85 -6.64 10.06
N ARG A 25 -6.95 -5.90 9.44
CA ARG A 25 -6.20 -4.87 10.15
C ARG A 25 -6.98 -3.59 10.32
N LEU A 26 -7.65 -3.16 9.26
CA LEU A 26 -8.39 -1.91 9.29
C LEU A 26 -9.86 -2.14 9.63
N GLN A 27 -10.29 -3.40 9.44
CA GLN A 27 -11.69 -3.79 9.60
C GLN A 27 -12.58 -2.94 8.72
N CYS A 28 -12.00 -2.50 7.62
CA CYS A 28 -12.68 -1.64 6.67
C CYS A 28 -12.99 -2.40 5.38
N SER A 29 -14.07 -2.02 4.73
CA SER A 29 -14.40 -2.59 3.43
C SER A 29 -13.52 -1.98 2.36
N LEU A 30 -12.38 -2.63 2.09
CA LEU A 30 -11.34 -2.08 1.21
C LEU A 30 -11.82 -1.94 -0.23
N ASP A 31 -13.07 -2.33 -0.49
CA ASP A 31 -13.62 -2.40 -1.84
C ASP A 31 -13.48 -1.08 -2.60
N ALA A 32 -14.17 -0.04 -2.12
CA ALA A 32 -14.19 1.25 -2.81
C ALA A 32 -12.81 1.91 -2.88
N HIS A 33 -12.04 1.82 -1.81
CA HIS A 33 -10.74 2.48 -1.78
C HIS A 33 -9.66 1.80 -2.58
N GLU A 34 -9.07 2.62 -3.45
CA GLU A 34 -8.03 2.21 -4.37
C GLU A 34 -6.68 2.26 -3.68
N ILE A 35 -5.71 1.53 -4.20
CA ILE A 35 -4.39 1.52 -3.59
C ILE A 35 -3.52 2.61 -4.19
N CYS A 36 -2.59 3.14 -3.39
CA CYS A 36 -1.81 4.29 -3.77
C CYS A 36 -0.48 4.28 -3.02
N LEU A 37 0.41 5.18 -3.39
CA LEU A 37 1.70 5.27 -2.75
C LEU A 37 2.15 6.72 -2.70
N GLN A 38 2.23 7.27 -1.49
CA GLN A 38 2.54 8.68 -1.32
C GLN A 38 1.62 9.52 -2.20
N ASP A 39 0.37 9.04 -2.28
CA ASP A 39 -0.72 9.68 -3.01
C ASP A 39 -0.79 9.24 -4.47
N ILE A 40 0.31 8.71 -5.00
CA ILE A 40 0.31 8.19 -6.36
C ILE A 40 -0.57 6.95 -6.42
N GLN A 41 -1.66 7.00 -7.17
CA GLN A 41 -2.50 5.83 -7.31
C GLN A 41 -1.74 4.71 -8.03
N LEU A 42 -1.96 3.50 -7.57
CA LEU A 42 -1.22 2.32 -8.05
C LEU A 42 -2.18 1.36 -8.73
N ASP A 43 -1.66 0.27 -9.28
CA ASP A 43 -2.50 -0.71 -9.95
C ASP A 43 -2.36 -2.05 -9.26
N PRO A 44 -3.43 -2.49 -8.59
CA PRO A 44 -3.52 -3.78 -7.93
C PRO A 44 -3.16 -4.95 -8.85
N ASP A 45 -3.27 -4.69 -10.14
CA ASP A 45 -2.98 -5.69 -11.17
C ASP A 45 -1.47 -5.81 -11.40
N ARG A 46 -0.71 -4.95 -10.74
CA ARG A 46 0.72 -4.86 -10.96
C ARG A 46 1.45 -4.78 -9.63
N SER A 47 2.74 -5.08 -9.64
CA SER A 47 3.53 -5.14 -8.41
C SER A 47 4.35 -3.86 -8.18
N LEU A 48 5.06 -3.80 -7.04
CA LEU A 48 6.04 -2.74 -6.81
C LEU A 48 7.07 -2.72 -7.93
N PHE A 49 7.44 -3.90 -8.39
CA PHE A 49 8.33 -4.05 -9.54
C PHE A 49 7.72 -3.40 -10.79
N ASP A 50 6.41 -3.21 -10.79
CA ASP A 50 5.74 -2.53 -11.89
C ASP A 50 5.36 -1.11 -11.49
N GLN A 51 5.40 -0.85 -10.19
CA GLN A 51 4.98 0.42 -9.64
C GLN A 51 5.97 0.90 -8.58
N GLY A 52 7.07 1.49 -9.01
CA GLY A 52 7.94 2.13 -8.05
C GLY A 52 9.30 1.49 -7.91
N VAL A 53 9.44 0.63 -6.89
CA VAL A 53 10.76 0.20 -6.43
C VAL A 53 11.22 -1.08 -7.10
N LYS A 54 12.54 -1.26 -7.16
CA LYS A 54 13.11 -2.50 -7.63
C LYS A 54 14.10 -3.03 -6.61
N THR A 55 13.57 -3.56 -5.53
CA THR A 55 14.38 -4.25 -4.55
C THR A 55 14.13 -5.76 -4.70
N ASP A 56 13.64 -6.43 -3.66
CA ASP A 56 13.26 -7.82 -3.80
C ASP A 56 12.57 -8.36 -2.56
N GLY A 57 11.42 -8.99 -2.78
CA GLY A 57 10.79 -9.74 -1.72
C GLY A 57 9.62 -9.02 -1.12
N THR A 58 9.63 -8.91 0.19
CA THR A 58 8.56 -8.28 0.92
C THR A 58 9.02 -6.97 1.54
N VAL A 59 8.29 -5.89 1.25
CA VAL A 59 8.55 -4.61 1.90
C VAL A 59 7.48 -4.33 2.93
N GLN A 60 7.80 -3.47 3.88
CA GLN A 60 6.85 -3.09 4.90
C GLN A 60 6.20 -1.78 4.50
N LEU A 61 4.90 -1.83 4.27
CA LEU A 61 4.17 -0.69 3.75
C LEU A 61 3.51 0.08 4.88
N SER A 62 3.91 1.33 5.06
CA SER A 62 3.16 2.22 5.91
C SER A 62 2.06 2.87 5.08
N VAL A 63 1.04 2.08 4.80
CA VAL A 63 -0.07 2.48 3.95
C VAL A 63 -1.22 3.07 4.78
N GLN A 64 -1.71 4.23 4.32
CA GLN A 64 -2.76 4.98 4.99
C GLN A 64 -4.07 4.87 4.23
N VAL A 65 -5.17 4.95 4.96
CA VAL A 65 -6.47 5.10 4.35
C VAL A 65 -6.83 6.59 4.31
N ILE A 66 -6.94 7.11 3.10
CA ILE A 66 -7.21 8.53 2.87
C ILE A 66 -8.60 8.77 2.33
N SER A 67 -9.30 9.74 2.88
CA SER A 67 -10.43 10.33 2.20
C SER A 67 -10.51 11.82 2.56
N TYR A 68 -9.82 12.64 1.75
CA TYR A 68 -9.73 14.08 1.99
C TYR A 68 -11.05 14.77 1.69
N GLN A 69 -11.69 15.30 2.73
CA GLN A 69 -12.97 16.00 2.60
C GLN A 69 -14.02 15.14 1.91
N GLY A 70 -13.88 13.83 2.04
CA GLY A 70 -14.78 12.93 1.35
C GLY A 70 -14.39 12.73 -0.10
N MET A 71 -13.08 12.57 -0.34
CA MET A 71 -12.57 12.29 -1.67
C MET A 71 -12.56 10.79 -1.88
N GLU A 72 -12.20 10.34 -3.07
CA GLU A 72 -12.12 8.92 -3.36
C GLU A 72 -11.10 8.27 -2.45
N PRO A 73 -11.58 7.45 -1.50
CA PRO A 73 -10.73 6.74 -0.56
C PRO A 73 -9.54 6.06 -1.23
N LYS A 74 -8.36 6.50 -0.83
CA LYS A 74 -7.10 5.92 -1.29
C LYS A 74 -6.34 5.25 -0.16
N LEU A 75 -5.72 4.11 -0.44
CA LEU A 75 -4.77 3.53 0.49
C LEU A 75 -3.36 3.84 0.00
N ASN A 76 -2.70 4.84 0.57
CA ASN A 76 -1.36 5.21 0.10
C ASN A 76 -0.29 4.64 0.98
N ILE A 77 0.61 3.92 0.36
CA ILE A 77 1.83 3.51 1.01
C ILE A 77 2.75 4.70 1.14
N LEU A 78 3.05 5.10 2.35
CA LEU A 78 3.93 6.24 2.57
C LEU A 78 5.36 5.78 2.70
N GLU A 79 5.57 4.47 2.80
CA GLU A 79 6.88 3.97 3.14
C GLU A 79 7.04 2.56 2.63
N ILE A 80 8.05 2.38 1.82
CA ILE A 80 8.41 1.07 1.34
C ILE A 80 9.78 0.71 1.86
N VAL A 81 9.85 -0.28 2.73
CA VAL A 81 11.11 -0.71 3.27
C VAL A 81 11.23 -2.23 3.13
N LYS A 82 12.15 -2.68 2.29
CA LYS A 82 12.32 -4.10 2.10
C LYS A 82 12.69 -4.76 3.42
N THR A 83 11.76 -5.55 3.91
CA THR A 83 11.85 -6.18 5.22
C THR A 83 11.93 -5.15 6.35
N ALA A 84 13.10 -4.56 6.52
CA ALA A 84 13.37 -3.62 7.59
C ALA A 84 14.53 -2.73 7.19
N GLU A 85 15.41 -3.29 6.36
CA GLU A 85 16.46 -2.52 5.71
C GLU A 85 15.84 -1.65 4.62
N THR A 86 15.36 -0.49 5.05
CA THR A 86 14.66 0.46 4.21
C THR A 86 15.26 0.57 2.79
N VAL A 87 14.45 0.20 1.80
CA VAL A 87 14.80 0.48 0.41
C VAL A 87 14.36 1.89 0.06
N GLU A 88 15.22 2.63 -0.63
CA GLU A 88 14.92 4.00 -0.98
C GLU A 88 14.75 4.18 -2.47
N TRP A 89 14.41 5.40 -2.88
CA TRP A 89 14.24 5.74 -4.28
C TRP A 89 15.62 5.95 -4.92
N MET A 1 -9.22 12.26 7.68
CA MET A 1 -8.20 11.61 8.51
C MET A 1 -7.27 10.77 7.64
N ALA A 2 -6.19 10.28 8.24
CA ALA A 2 -5.21 9.48 7.51
C ALA A 2 -4.82 8.26 8.33
N GLU A 3 -5.70 7.27 8.32
CA GLU A 3 -5.52 6.06 9.10
C GLU A 3 -4.43 5.18 8.50
N CYS A 4 -3.28 5.17 9.15
CA CYS A 4 -2.13 4.40 8.66
C CYS A 4 -2.07 3.04 9.34
N VAL A 5 -1.78 2.01 8.55
CA VAL A 5 -1.65 0.66 9.07
C VAL A 5 -0.32 0.06 8.62
N SER A 6 0.31 -0.73 9.48
CA SER A 6 1.56 -1.37 9.15
C SER A 6 1.34 -2.76 8.56
N GLN A 7 1.55 -2.89 7.26
CA GLN A 7 1.34 -4.15 6.57
C GLN A 7 2.51 -4.43 5.65
N ALA A 8 2.85 -5.70 5.47
CA ALA A 8 3.88 -6.09 4.54
C ALA A 8 3.32 -6.97 3.44
N ILE A 9 3.89 -6.87 2.24
CA ILE A 9 3.38 -7.62 1.08
C ILE A 9 4.50 -7.87 0.08
N ASP A 10 4.20 -8.69 -0.92
CA ASP A 10 5.10 -8.96 -2.02
C ASP A 10 5.24 -7.74 -2.92
N ILE A 11 6.47 -7.39 -3.30
CA ILE A 11 6.66 -6.26 -4.20
C ILE A 11 6.71 -6.77 -5.62
N ASN A 12 7.05 -8.04 -5.77
CA ASN A 12 7.15 -8.66 -7.08
C ASN A 12 5.74 -9.00 -7.55
N GLU A 13 4.80 -8.88 -6.62
CA GLU A 13 3.44 -9.30 -6.84
C GLU A 13 2.47 -8.15 -6.56
N PRO A 14 1.17 -8.34 -6.80
CA PRO A 14 0.16 -7.25 -6.77
C PRO A 14 0.23 -6.36 -5.54
N ILE A 15 0.26 -5.05 -5.76
CA ILE A 15 0.23 -4.10 -4.66
C ILE A 15 -1.19 -3.95 -4.14
N GLY A 16 -2.14 -4.33 -4.97
CA GLY A 16 -3.53 -4.17 -4.63
C GLY A 16 -4.01 -5.21 -3.65
N ASN A 17 -3.12 -6.11 -3.23
CA ASN A 17 -3.51 -7.16 -2.31
C ASN A 17 -3.70 -6.58 -0.90
N LEU A 18 -3.40 -5.29 -0.75
CA LEU A 18 -3.60 -4.59 0.51
C LEU A 18 -5.06 -4.67 0.96
N LYS A 19 -5.95 -4.83 0.01
CA LYS A 19 -7.37 -4.91 0.31
C LYS A 19 -7.69 -6.28 0.92
N LYS A 20 -6.82 -7.24 0.69
CA LYS A 20 -6.95 -8.58 1.24
C LYS A 20 -6.28 -8.67 2.60
N LEU A 21 -5.06 -8.12 2.68
CA LEU A 21 -4.21 -8.28 3.86
C LEU A 21 -4.56 -7.28 4.96
N LEU A 22 -5.10 -6.13 4.61
CA LEU A 22 -5.45 -5.12 5.60
C LEU A 22 -6.88 -5.31 6.11
N GLU A 23 -7.60 -6.24 5.51
CA GLU A 23 -8.93 -6.60 5.99
C GLU A 23 -8.94 -6.90 7.49
N PRO A 24 -8.08 -7.83 7.98
CA PRO A 24 -8.00 -8.16 9.41
C PRO A 24 -7.45 -7.01 10.26
N ARG A 25 -6.70 -6.15 9.61
CA ARG A 25 -5.99 -5.08 10.30
C ARG A 25 -6.87 -3.87 10.56
N LEU A 26 -7.62 -3.47 9.56
CA LEU A 26 -8.41 -2.25 9.63
C LEU A 26 -9.87 -2.55 9.94
N GLN A 27 -10.27 -3.80 9.69
CA GLN A 27 -11.66 -4.22 9.77
C GLN A 27 -12.52 -3.36 8.85
N CYS A 28 -11.88 -2.93 7.78
CA CYS A 28 -12.53 -2.12 6.77
C CYS A 28 -13.00 -3.00 5.63
N SER A 29 -14.01 -2.55 4.91
CA SER A 29 -14.45 -3.25 3.72
C SER A 29 -13.63 -2.78 2.54
N LEU A 30 -12.50 -3.43 2.31
CA LEU A 30 -11.55 -3.00 1.29
C LEU A 30 -12.09 -3.41 -0.08
N ASP A 31 -12.60 -2.46 -0.84
CA ASP A 31 -13.18 -2.78 -2.14
C ASP A 31 -13.25 -1.55 -3.04
N ALA A 32 -14.09 -0.59 -2.71
CA ALA A 32 -14.28 0.59 -3.54
C ALA A 32 -13.05 1.51 -3.52
N HIS A 33 -12.30 1.46 -2.44
CA HIS A 33 -11.11 2.29 -2.31
C HIS A 33 -9.93 1.69 -3.03
N GLU A 34 -9.22 2.56 -3.74
CA GLU A 34 -8.09 2.18 -4.57
C GLU A 34 -6.81 2.24 -3.76
N ILE A 35 -5.72 1.76 -4.35
CA ILE A 35 -4.45 1.73 -3.65
C ILE A 35 -3.53 2.80 -4.22
N CYS A 36 -2.60 3.26 -3.41
CA CYS A 36 -1.75 4.39 -3.77
C CYS A 36 -0.43 4.30 -3.02
N LEU A 37 0.50 5.15 -3.37
CA LEU A 37 1.77 5.20 -2.70
C LEU A 37 2.26 6.63 -2.61
N GLN A 38 2.33 7.16 -1.40
CA GLN A 38 2.71 8.56 -1.19
C GLN A 38 1.84 9.46 -2.05
N ASP A 39 0.57 9.03 -2.16
CA ASP A 39 -0.50 9.76 -2.84
C ASP A 39 -0.54 9.42 -4.33
N ILE A 40 0.51 8.80 -4.86
CA ILE A 40 0.50 8.32 -6.23
C ILE A 40 -0.41 7.11 -6.32
N GLN A 41 -1.45 7.21 -7.12
CA GLN A 41 -2.35 6.08 -7.31
C GLN A 41 -1.64 4.93 -8.02
N LEU A 42 -1.89 3.72 -7.55
CA LEU A 42 -1.17 2.53 -8.02
C LEU A 42 -2.12 1.61 -8.75
N ASP A 43 -1.61 0.51 -9.26
CA ASP A 43 -2.43 -0.45 -9.97
C ASP A 43 -2.38 -1.79 -9.25
N PRO A 44 -3.50 -2.17 -8.62
CA PRO A 44 -3.66 -3.49 -7.98
C PRO A 44 -3.32 -4.63 -8.93
N ASP A 45 -3.42 -4.33 -10.23
CA ASP A 45 -3.13 -5.29 -11.29
C ASP A 45 -1.62 -5.49 -11.42
N ARG A 46 -0.85 -4.62 -10.79
CA ARG A 46 0.58 -4.59 -10.98
C ARG A 46 1.30 -4.54 -9.63
N SER A 47 2.59 -4.82 -9.63
CA SER A 47 3.37 -4.92 -8.41
C SER A 47 4.20 -3.67 -8.12
N LEU A 48 4.91 -3.65 -6.99
CA LEU A 48 5.89 -2.60 -6.71
C LEU A 48 6.94 -2.56 -7.82
N PHE A 49 7.28 -3.73 -8.34
CA PHE A 49 8.16 -3.82 -9.49
C PHE A 49 7.57 -3.11 -10.72
N ASP A 50 6.25 -2.98 -10.74
CA ASP A 50 5.57 -2.27 -11.80
C ASP A 50 5.31 -0.83 -11.39
N GLN A 51 5.36 -0.59 -10.09
CA GLN A 51 5.01 0.71 -9.53
C GLN A 51 5.92 1.07 -8.36
N GLY A 52 7.02 1.74 -8.64
CA GLY A 52 7.84 2.28 -7.56
C GLY A 52 9.21 1.65 -7.46
N VAL A 53 9.36 0.69 -6.56
CA VAL A 53 10.69 0.21 -6.16
C VAL A 53 11.09 -1.07 -6.85
N LYS A 54 12.39 -1.27 -7.00
CA LYS A 54 12.92 -2.55 -7.43
C LYS A 54 13.85 -3.08 -6.36
N THR A 55 13.26 -3.54 -5.27
CA THR A 55 13.99 -4.21 -4.22
C THR A 55 13.69 -5.70 -4.35
N ASP A 56 13.52 -6.41 -3.25
CA ASP A 56 13.28 -7.83 -3.35
C ASP A 56 12.36 -8.36 -2.27
N GLY A 57 11.32 -9.06 -2.71
CA GLY A 57 10.51 -9.84 -1.82
C GLY A 57 9.41 -9.05 -1.17
N THR A 58 9.47 -8.95 0.13
CA THR A 58 8.45 -8.28 0.92
C THR A 58 8.98 -6.98 1.51
N VAL A 59 8.23 -5.90 1.33
CA VAL A 59 8.53 -4.65 2.01
C VAL A 59 7.45 -4.34 3.03
N GLN A 60 7.74 -3.43 3.93
CA GLN A 60 6.78 -3.01 4.93
C GLN A 60 6.15 -1.70 4.47
N LEU A 61 4.85 -1.74 4.26
CA LEU A 61 4.12 -0.60 3.72
C LEU A 61 3.46 0.18 4.84
N SER A 62 3.86 1.42 5.01
CA SER A 62 3.12 2.33 5.88
C SER A 62 1.97 2.91 5.06
N VAL A 63 0.98 2.08 4.82
CA VAL A 63 -0.15 2.43 3.99
C VAL A 63 -1.29 3.06 4.80
N GLN A 64 -1.72 4.22 4.32
CA GLN A 64 -2.77 5.01 4.94
C GLN A 64 -4.07 4.89 4.16
N VAL A 65 -5.19 5.00 4.86
CA VAL A 65 -6.46 5.15 4.18
C VAL A 65 -6.76 6.66 4.07
N ILE A 66 -6.84 7.13 2.85
CA ILE A 66 -7.04 8.54 2.59
C ILE A 66 -8.44 8.82 2.07
N SER A 67 -9.20 9.56 2.84
CA SER A 67 -10.35 10.22 2.28
C SER A 67 -10.32 11.69 2.73
N TYR A 68 -9.67 12.52 1.93
CA TYR A 68 -9.47 13.93 2.29
C TYR A 68 -10.51 14.81 1.63
N GLN A 69 -11.16 15.66 2.43
CA GLN A 69 -12.09 16.67 1.91
C GLN A 69 -13.29 16.01 1.24
N GLY A 70 -13.58 14.77 1.62
CA GLY A 70 -14.64 14.03 0.97
C GLY A 70 -14.25 13.61 -0.43
N MET A 71 -13.22 12.77 -0.51
CA MET A 71 -12.69 12.31 -1.78
C MET A 71 -12.79 10.81 -1.89
N GLU A 72 -12.45 10.29 -3.06
CA GLU A 72 -12.45 8.87 -3.29
C GLU A 72 -11.32 8.22 -2.50
N PRO A 73 -11.67 7.39 -1.50
CA PRO A 73 -10.72 6.74 -0.61
C PRO A 73 -9.57 6.07 -1.36
N LYS A 74 -8.38 6.53 -1.05
CA LYS A 74 -7.13 5.94 -1.53
C LYS A 74 -6.38 5.32 -0.38
N LEU A 75 -5.83 4.14 -0.57
CA LEU A 75 -4.92 3.59 0.42
C LEU A 75 -3.49 3.80 -0.06
N ASN A 76 -2.80 4.81 0.46
CA ASN A 76 -1.45 5.11 -0.01
C ASN A 76 -0.40 4.59 0.93
N ILE A 77 0.58 3.96 0.37
CA ILE A 77 1.74 3.58 1.10
C ILE A 77 2.69 4.75 1.20
N LEU A 78 2.99 5.16 2.41
CA LEU A 78 3.86 6.30 2.60
C LEU A 78 5.30 5.83 2.72
N GLU A 79 5.51 4.52 2.86
CA GLU A 79 6.82 4.03 3.18
C GLU A 79 7.02 2.63 2.67
N ILE A 80 8.13 2.41 2.01
CA ILE A 80 8.48 1.08 1.54
C ILE A 80 9.85 0.70 2.07
N VAL A 81 9.90 -0.43 2.76
CA VAL A 81 11.15 -0.89 3.31
C VAL A 81 11.22 -2.41 3.29
N LYS A 82 12.10 -2.94 2.45
CA LYS A 82 12.26 -4.38 2.29
C LYS A 82 12.52 -5.03 3.64
N THR A 83 11.85 -6.14 3.84
CA THR A 83 11.94 -6.92 5.05
C THR A 83 11.27 -6.20 6.22
N ALA A 84 11.95 -5.19 6.77
CA ALA A 84 11.39 -4.41 7.85
C ALA A 84 11.85 -2.96 7.73
N GLU A 85 13.12 -2.72 8.03
CA GLU A 85 13.69 -1.39 7.82
C GLU A 85 15.10 -1.50 7.23
N THR A 86 15.24 -1.31 5.91
CA THR A 86 16.58 -1.29 5.33
C THR A 86 16.63 -0.81 3.88
N VAL A 87 15.55 -0.93 3.13
CA VAL A 87 15.60 -0.44 1.76
C VAL A 87 15.47 1.08 1.71
N GLU A 88 16.35 1.69 0.93
CA GLU A 88 16.34 3.12 0.72
C GLU A 88 16.29 3.39 -0.77
N TRP A 89 15.54 4.39 -1.21
CA TRP A 89 15.48 4.69 -2.63
C TRP A 89 15.79 6.16 -2.88
#